data_7BVB
#
_entry.id   7BVB
#
_cell.length_a   65.285
_cell.length_b   75.762
_cell.length_c   104.679
_cell.angle_alpha   90.000
_cell.angle_beta   105.920
_cell.angle_gamma   90.000
#
_symmetry.space_group_name_H-M   'P 1 21 1'
#
loop_
_entity.id
_entity.type
_entity.pdbx_description
1 polymer 'UDP-N-acetylmuramate--L-alanine ligase'
2 non-polymer URIDINE-DIPHOSPHATE-N-ACETYLGLUCOSAMINE
3 non-polymer 'ZINC ION'
4 water water
#
_entity_poly.entity_id   1
_entity_poly.type   'polypeptide(L)'
_entity_poly.pdbx_seq_one_letter_code
;MSYYHHHHHHDYDIPTTENLYFQGHMSTEQLPPDLRRVHMVGIGGAGMSGIARILLDRGGLVSGSDAKESRGVHALRARG
ALIRIGHDASSLDLLPGGATAVVTTHAAIPKTNPELVEARRRGIPVVLRPAVLAKLMAGRTTLMVTGTHGKTTTTSMLIV
ALQHCGLDPSFAVGGELGEAGTNAHHGSGDCFVAEADESDGSLLQYTPHVAVITNIESDHLDFYGSVEAYVAVFDSFVER
IVPGGALVVCTDDPGGAALAQRATELGIRVLRYGSVPGETMAATLVSWQQQGVGAVAHIRLASELATAQGPRVMRLSVPG
RHMALNALGALLAAVQIGAPADEVLDGLAGFEGVRRRFELVGTCGVGKASVRVFDDYAHHPTEISATLAAARMVLEQGDG
GRCMVVFQPHLYSRTKAFAAEFGRALNAADEVFVLDVYGAREQPLAGVSGASVAEHVTVPMRYVPDFSAVAQQVAAAASP
GDVIVTMGAGDVTLLGPEILTALRVRANRSAPGRPGVLG
;
_entity_poly.pdbx_strand_id   A,B
#
# COMPACT_ATOMS: atom_id res chain seq x y z
N GLN A 30 -21.63 -0.72 5.09
CA GLN A 30 -21.53 -1.94 5.88
C GLN A 30 -21.41 -3.17 4.98
N LEU A 31 -20.92 -4.26 5.54
CA LEU A 31 -20.75 -5.50 4.80
C LEU A 31 -22.05 -6.31 4.83
N PRO A 32 -22.31 -7.10 3.78
CA PRO A 32 -23.44 -8.02 3.80
C PRO A 32 -23.29 -9.06 4.90
N PRO A 33 -24.39 -9.71 5.30
CA PRO A 33 -24.29 -10.70 6.39
C PRO A 33 -23.32 -11.83 6.12
N ASP A 34 -23.21 -12.29 4.88
CA ASP A 34 -22.33 -13.41 4.56
C ASP A 34 -20.85 -13.02 4.58
N LEU A 35 -20.53 -11.75 4.37
CA LEU A 35 -19.15 -11.28 4.37
C LEU A 35 -18.70 -10.78 5.73
N ARG A 36 -19.37 -11.19 6.81
CA ARG A 36 -19.02 -10.72 8.14
C ARG A 36 -17.85 -11.51 8.73
N ARG A 37 -17.88 -12.83 8.59
CA ARG A 37 -16.80 -13.70 9.06
C ARG A 37 -16.40 -14.60 7.90
N VAL A 38 -15.23 -14.29 7.32
CA VAL A 38 -14.83 -14.83 6.03
C VAL A 38 -13.54 -15.62 6.23
N HIS A 39 -13.60 -16.92 5.93
CA HIS A 39 -12.41 -17.77 5.92
C HIS A 39 -11.98 -17.97 4.47
N MET A 40 -10.70 -17.72 4.21
CA MET A 40 -10.19 -17.70 2.83
C MET A 40 -9.14 -18.78 2.65
N VAL A 41 -9.42 -19.74 1.77
CA VAL A 41 -8.49 -20.81 1.44
C VAL A 41 -7.54 -20.28 0.38
N GLY A 42 -6.25 -20.16 0.73
CA GLY A 42 -5.28 -19.62 -0.20
C GLY A 42 -5.17 -18.11 -0.06
N ILE A 43 -5.19 -17.64 1.19
CA ILE A 43 -5.21 -16.21 1.46
C ILE A 43 -3.91 -15.52 1.11
N GLY A 44 -2.84 -16.28 0.85
CA GLY A 44 -1.58 -15.69 0.44
C GLY A 44 -1.57 -15.19 -0.99
N GLY A 45 -2.54 -15.61 -1.80
CA GLY A 45 -2.60 -15.13 -3.18
C GLY A 45 -2.78 -13.63 -3.24
N ALA A 46 -2.34 -13.05 -4.35
CA ALA A 46 -2.34 -11.59 -4.48
C ALA A 46 -3.75 -11.03 -4.49
N GLY A 47 -4.61 -11.55 -5.38
CA GLY A 47 -5.99 -11.10 -5.40
C GLY A 47 -6.70 -11.39 -4.09
N MET A 48 -6.49 -12.59 -3.54
CA MET A 48 -7.07 -12.92 -2.25
C MET A 48 -6.55 -12.01 -1.15
N SER A 49 -5.26 -11.66 -1.19
CA SER A 49 -4.71 -10.76 -0.17
C SER A 49 -5.38 -9.39 -0.25
N GLY A 50 -5.58 -8.88 -1.47
CA GLY A 50 -6.26 -7.60 -1.60
C GLY A 50 -7.69 -7.66 -1.09
N ILE A 51 -8.42 -8.73 -1.42
CA ILE A 51 -9.79 -8.88 -0.95
C ILE A 51 -9.83 -8.96 0.57
N ALA A 52 -8.90 -9.73 1.15
CA ALA A 52 -8.84 -9.86 2.60
C ALA A 52 -8.57 -8.52 3.27
N ARG A 53 -7.69 -7.71 2.69
CA ARG A 53 -7.40 -6.42 3.31
C ARG A 53 -8.60 -5.47 3.20
N ILE A 54 -9.29 -5.47 2.05
CA ILE A 54 -10.48 -4.64 1.93
C ILE A 54 -11.52 -5.04 2.97
N LEU A 55 -11.73 -6.35 3.14
CA LEU A 55 -12.67 -6.83 4.16
C LEU A 55 -12.24 -6.36 5.56
N LEU A 56 -10.95 -6.52 5.88
CA LEU A 56 -10.47 -6.11 7.19
C LEU A 56 -10.60 -4.62 7.41
N ASP A 57 -10.50 -3.82 6.34
CA ASP A 57 -10.65 -2.38 6.45
C ASP A 57 -12.10 -1.96 6.57
N ARG A 58 -13.04 -2.75 6.07
CA ARG A 58 -14.46 -2.43 6.19
C ARG A 58 -15.10 -3.09 7.42
N GLY A 59 -14.30 -3.52 8.39
CA GLY A 59 -14.82 -3.96 9.67
C GLY A 59 -15.07 -5.45 9.81
N GLY A 60 -14.82 -6.25 8.76
CA GLY A 60 -15.07 -7.67 8.83
C GLY A 60 -13.92 -8.46 9.43
N LEU A 61 -14.26 -9.64 9.94
CA LEU A 61 -13.29 -10.58 10.48
C LEU A 61 -12.86 -11.56 9.40
N VAL A 62 -11.55 -11.80 9.30
CA VAL A 62 -11.02 -12.66 8.25
C VAL A 62 -10.05 -13.66 8.89
N SER A 63 -10.31 -14.94 8.67
CA SER A 63 -9.34 -16.00 8.89
C SER A 63 -8.96 -16.61 7.55
N GLY A 64 -7.99 -17.50 7.56
CA GLY A 64 -7.59 -18.09 6.30
C GLY A 64 -6.58 -19.21 6.47
N SER A 65 -6.23 -19.82 5.34
CA SER A 65 -5.24 -20.86 5.30
C SER A 65 -4.47 -20.77 3.99
N ASP A 66 -3.25 -21.30 3.99
CA ASP A 66 -2.43 -21.30 2.80
C ASP A 66 -1.45 -22.45 2.87
N ALA A 67 -1.21 -23.08 1.71
CA ALA A 67 -0.29 -24.21 1.66
C ALA A 67 1.16 -23.78 1.87
N LYS A 68 1.52 -22.58 1.40
CA LYS A 68 2.90 -22.10 1.46
C LYS A 68 2.94 -20.75 2.15
N GLU A 69 3.81 -20.63 3.14
CA GLU A 69 3.97 -19.36 3.85
C GLU A 69 4.65 -18.33 2.97
N SER A 70 4.15 -17.09 3.02
CA SER A 70 4.71 -16.00 2.24
C SER A 70 4.69 -14.73 3.09
N ARG A 71 5.29 -13.68 2.56
CA ARG A 71 5.33 -12.42 3.30
C ARG A 71 3.97 -11.74 3.30
N GLY A 72 3.13 -11.99 2.29
CA GLY A 72 1.77 -11.45 2.33
C GLY A 72 0.93 -12.06 3.44
N VAL A 73 1.12 -13.36 3.68
CA VAL A 73 0.47 -14.00 4.83
C VAL A 73 0.96 -13.36 6.12
N HIS A 74 2.24 -13.01 6.19
CA HIS A 74 2.76 -12.31 7.36
C HIS A 74 2.09 -10.97 7.56
N ALA A 75 1.94 -10.20 6.47
CA ALA A 75 1.25 -8.90 6.57
C ALA A 75 -0.18 -9.06 7.05
N LEU A 76 -0.91 -10.02 6.49
CA LEU A 76 -2.31 -10.19 6.91
C LEU A 76 -2.39 -10.67 8.36
N ARG A 77 -1.46 -11.52 8.79
CA ARG A 77 -1.39 -11.87 10.20
C ARG A 77 -1.17 -10.62 11.05
N ALA A 78 -0.30 -9.72 10.59
CA ALA A 78 -0.05 -8.49 11.31
C ALA A 78 -1.30 -7.61 11.37
N ARG A 79 -2.19 -7.74 10.39
CA ARG A 79 -3.44 -6.99 10.38
C ARG A 79 -4.59 -7.71 11.09
N GLY A 80 -4.27 -8.64 12.00
CA GLY A 80 -5.29 -9.26 12.81
C GLY A 80 -5.98 -10.47 12.20
N ALA A 81 -5.54 -10.94 11.04
CA ALA A 81 -6.11 -12.14 10.44
C ALA A 81 -5.48 -13.38 11.06
N LEU A 82 -6.30 -14.42 11.23
CA LEU A 82 -5.83 -15.71 11.76
C LEU A 82 -5.57 -16.64 10.57
N ILE A 83 -4.30 -16.81 10.23
CA ILE A 83 -3.90 -17.63 9.10
C ILE A 83 -3.14 -18.84 9.62
N ARG A 84 -3.53 -20.02 9.14
CA ARG A 84 -2.82 -21.26 9.41
C ARG A 84 -2.10 -21.71 8.14
N ILE A 85 -0.84 -22.09 8.28
CA ILE A 85 -0.11 -22.70 7.18
C ILE A 85 -0.50 -24.17 7.09
N GLY A 86 -0.81 -24.61 5.88
CA GLY A 86 -1.45 -25.90 5.69
C GLY A 86 -2.96 -25.80 5.86
N HIS A 87 -3.64 -26.81 5.32
CA HIS A 87 -5.10 -26.85 5.34
C HIS A 87 -5.58 -27.87 6.36
N ASP A 88 -6.72 -27.58 6.97
CA ASP A 88 -7.30 -28.46 7.99
C ASP A 88 -8.72 -28.03 8.28
N ALA A 89 -9.54 -28.97 8.74
CA ALA A 89 -10.90 -28.63 9.15
C ALA A 89 -10.89 -27.66 10.32
N SER A 90 -9.91 -27.79 11.21
CA SER A 90 -9.84 -26.95 12.41
C SER A 90 -9.83 -25.47 12.07
N SER A 91 -9.38 -25.13 10.87
CA SER A 91 -9.31 -23.72 10.47
C SER A 91 -10.69 -23.06 10.49
N LEU A 92 -11.76 -23.84 10.29
CA LEU A 92 -13.09 -23.26 10.31
C LEU A 92 -13.58 -22.94 11.72
N ASP A 93 -12.79 -23.27 12.74
CA ASP A 93 -13.10 -22.92 14.11
C ASP A 93 -12.27 -21.72 14.58
N LEU A 94 -11.51 -21.10 13.69
CA LEU A 94 -10.73 -19.92 14.07
C LEU A 94 -11.62 -18.73 14.37
N LEU A 95 -12.49 -18.38 13.44
CA LEU A 95 -13.35 -17.22 13.63
C LEU A 95 -14.40 -17.51 14.71
N PRO A 96 -14.77 -16.51 15.50
CA PRO A 96 -15.77 -16.73 16.55
C PRO A 96 -17.14 -16.98 15.93
N GLY A 97 -17.77 -18.08 16.34
CA GLY A 97 -19.08 -18.41 15.83
C GLY A 97 -19.09 -18.98 14.43
N GLY A 98 -17.99 -19.60 14.00
CA GLY A 98 -17.92 -20.15 12.66
C GLY A 98 -17.80 -19.08 11.59
N ALA A 99 -17.35 -19.48 10.41
CA ALA A 99 -17.24 -18.54 9.29
C ALA A 99 -18.60 -18.37 8.62
N THR A 100 -18.95 -17.11 8.33
CA THR A 100 -20.15 -16.85 7.56
C THR A 100 -19.96 -17.20 6.09
N ALA A 101 -18.71 -17.18 5.62
CA ALA A 101 -18.44 -17.55 4.24
C ALA A 101 -17.02 -18.11 4.13
N VAL A 102 -16.80 -18.89 3.07
CA VAL A 102 -15.48 -19.40 2.74
C VAL A 102 -15.20 -19.02 1.29
N VAL A 103 -14.18 -18.22 1.09
CA VAL A 103 -13.69 -17.89 -0.24
C VAL A 103 -12.58 -18.87 -0.60
N THR A 104 -12.49 -19.23 -1.88
CA THR A 104 -11.47 -20.18 -2.31
C THR A 104 -10.81 -19.69 -3.59
N THR A 105 -9.54 -20.07 -3.76
CA THR A 105 -8.79 -19.72 -4.96
C THR A 105 -9.17 -20.67 -6.10
N HIS A 106 -8.85 -20.24 -7.32
CA HIS A 106 -9.14 -21.05 -8.50
C HIS A 106 -8.27 -22.30 -8.57
N ALA A 107 -7.12 -22.31 -7.90
CA ALA A 107 -6.24 -23.48 -7.92
C ALA A 107 -6.64 -24.54 -6.91
N ALA A 108 -7.44 -24.20 -5.91
CA ALA A 108 -7.89 -25.17 -4.93
C ALA A 108 -8.84 -26.18 -5.59
N ILE A 109 -8.82 -27.39 -5.08
CA ILE A 109 -9.59 -28.51 -5.65
C ILE A 109 -10.69 -28.88 -4.66
N PRO A 110 -11.97 -28.93 -5.10
CA PRO A 110 -13.10 -28.87 -4.16
C PRO A 110 -13.22 -30.02 -3.17
N LYS A 111 -13.66 -31.19 -3.63
CA LYS A 111 -13.95 -32.34 -2.77
C LYS A 111 -12.65 -33.02 -2.21
N THR A 112 -11.49 -32.38 -2.35
CA THR A 112 -10.25 -32.92 -1.82
C THR A 112 -9.57 -32.01 -0.83
N ASN A 113 -9.68 -30.70 -0.98
CA ASN A 113 -9.20 -29.78 0.04
C ASN A 113 -9.98 -30.02 1.33
N PRO A 114 -9.31 -30.25 2.46
CA PRO A 114 -10.04 -30.57 3.70
C PRO A 114 -10.97 -29.46 4.14
N GLU A 115 -10.60 -28.20 3.91
CA GLU A 115 -11.36 -27.08 4.44
C GLU A 115 -12.63 -26.83 3.64
N LEU A 116 -12.57 -26.99 2.31
CA LEU A 116 -13.79 -26.91 1.52
C LEU A 116 -14.74 -28.05 1.86
N VAL A 117 -14.20 -29.24 2.11
CA VAL A 117 -15.02 -30.38 2.51
C VAL A 117 -15.70 -30.09 3.84
N GLU A 118 -14.95 -29.57 4.81
CA GLU A 118 -15.55 -29.24 6.10
C GLU A 118 -16.58 -28.12 5.97
N ALA A 119 -16.32 -27.14 5.11
CA ALA A 119 -17.24 -26.02 4.96
C ALA A 119 -18.55 -26.47 4.34
N ARG A 120 -18.49 -27.33 3.33
CA ARG A 120 -19.72 -27.87 2.77
C ARG A 120 -20.39 -28.85 3.72
N ARG A 121 -19.63 -29.47 4.63
CA ARG A 121 -20.23 -30.33 5.63
C ARG A 121 -20.92 -29.54 6.74
N ARG A 122 -20.52 -28.30 6.98
CA ARG A 122 -21.17 -27.46 7.97
C ARG A 122 -22.28 -26.59 7.41
N GLY A 123 -22.47 -26.58 6.09
CA GLY A 123 -23.41 -25.68 5.47
C GLY A 123 -22.88 -24.29 5.22
N ILE A 124 -21.57 -24.09 5.35
CA ILE A 124 -20.97 -22.77 5.14
C ILE A 124 -20.81 -22.54 3.64
N PRO A 125 -21.23 -21.38 3.12
CA PRO A 125 -21.12 -21.13 1.68
C PRO A 125 -19.68 -21.07 1.22
N VAL A 126 -19.46 -21.53 -0.01
CA VAL A 126 -18.16 -21.43 -0.67
C VAL A 126 -18.32 -20.57 -1.92
N VAL A 127 -17.50 -19.53 -2.03
CA VAL A 127 -17.57 -18.58 -3.12
C VAL A 127 -16.17 -18.36 -3.69
N LEU A 128 -16.15 -17.75 -4.87
CA LEU A 128 -14.92 -17.33 -5.53
C LEU A 128 -14.70 -15.84 -5.33
N ARG A 129 -13.47 -15.42 -5.60
CA ARG A 129 -13.10 -14.01 -5.45
C ARG A 129 -14.02 -13.03 -6.17
N PRO A 130 -14.46 -13.27 -7.41
CA PRO A 130 -15.31 -12.26 -8.07
C PRO A 130 -16.63 -11.99 -7.36
N ALA A 131 -17.24 -13.00 -6.74
CA ALA A 131 -18.49 -12.77 -6.03
C ALA A 131 -18.29 -11.84 -4.84
N VAL A 132 -17.22 -12.07 -4.08
CA VAL A 132 -16.91 -11.20 -2.94
C VAL A 132 -16.54 -9.81 -3.43
N LEU A 133 -15.80 -9.72 -4.52
CA LEU A 133 -15.45 -8.41 -5.07
C LEU A 133 -16.70 -7.65 -5.49
N ALA A 134 -17.63 -8.34 -6.15
CA ALA A 134 -18.88 -7.70 -6.56
C ALA A 134 -19.65 -7.20 -5.36
N LYS A 135 -19.80 -8.04 -4.33
CA LYS A 135 -20.46 -7.59 -3.12
C LYS A 135 -19.77 -6.39 -2.49
N LEU A 136 -18.43 -6.32 -2.60
CA LEU A 136 -17.67 -5.19 -2.08
C LEU A 136 -17.82 -3.93 -2.92
N MET A 137 -18.17 -4.06 -4.20
CA MET A 137 -18.31 -2.90 -5.08
C MET A 137 -19.72 -2.34 -5.11
N ALA A 138 -20.65 -2.91 -4.34
CA ALA A 138 -22.09 -2.68 -4.51
C ALA A 138 -22.50 -1.21 -4.51
N GLY A 139 -22.39 -0.54 -3.37
CA GLY A 139 -22.93 0.81 -3.28
C GLY A 139 -22.15 1.87 -4.04
N ARG A 140 -21.01 1.52 -4.62
CA ARG A 140 -20.13 2.51 -5.22
C ARG A 140 -20.38 2.63 -6.73
N THR A 141 -19.82 3.69 -7.30
CA THR A 141 -19.74 3.86 -8.74
C THR A 141 -18.58 3.00 -9.25
N THR A 142 -18.89 1.95 -10.00
CA THR A 142 -17.89 0.96 -10.38
C THR A 142 -17.41 1.19 -11.80
N LEU A 143 -16.10 1.02 -11.99
CA LEU A 143 -15.44 1.16 -13.29
C LEU A 143 -14.63 -0.12 -13.51
N MET A 144 -15.14 -0.98 -14.38
CA MET A 144 -14.45 -2.22 -14.72
C MET A 144 -13.60 -2.02 -15.97
N VAL A 145 -12.48 -2.75 -16.03
CA VAL A 145 -11.64 -2.79 -17.22
C VAL A 145 -11.41 -4.25 -17.58
N THR A 146 -11.68 -4.62 -18.83
CA THR A 146 -11.59 -5.99 -19.26
C THR A 146 -11.12 -6.04 -20.71
N GLY A 147 -10.80 -7.24 -21.16
CA GLY A 147 -10.27 -7.45 -22.50
C GLY A 147 -9.32 -8.61 -22.52
N THR A 148 -8.88 -8.95 -23.74
CA THR A 148 -7.97 -10.08 -23.90
C THR A 148 -6.61 -9.78 -23.27
N HIS A 149 -6.12 -8.56 -23.42
CA HIS A 149 -4.87 -8.16 -22.78
C HIS A 149 -4.83 -6.64 -22.66
N GLY A 150 -3.97 -6.17 -21.76
CA GLY A 150 -3.90 -4.76 -21.42
C GLY A 150 -4.79 -4.34 -20.27
N LYS A 151 -5.38 -5.29 -19.54
CA LYS A 151 -6.31 -4.95 -18.48
C LYS A 151 -5.60 -4.28 -17.30
N THR A 152 -4.49 -4.85 -16.86
CA THR A 152 -3.81 -4.31 -15.69
C THR A 152 -3.23 -2.94 -15.98
N THR A 153 -2.66 -2.75 -17.17
CA THR A 153 -2.10 -1.45 -17.53
C THR A 153 -3.18 -0.37 -17.59
N THR A 154 -4.30 -0.66 -18.25
CA THR A 154 -5.38 0.32 -18.36
C THR A 154 -6.01 0.60 -17.01
N THR A 155 -6.25 -0.44 -16.20
CA THR A 155 -6.80 -0.24 -14.87
C THR A 155 -5.87 0.61 -14.01
N SER A 156 -4.56 0.35 -14.10
CA SER A 156 -3.59 1.12 -13.32
C SER A 156 -3.55 2.56 -13.79
N MET A 157 -3.57 2.79 -15.11
CA MET A 157 -3.63 4.16 -15.64
C MET A 157 -4.87 4.89 -15.10
N LEU A 158 -6.02 4.22 -15.11
CA LEU A 158 -7.25 4.85 -14.64
C LEU A 158 -7.17 5.17 -13.15
N ILE A 159 -6.63 4.25 -12.35
CA ILE A 159 -6.49 4.49 -10.92
C ILE A 159 -5.58 5.68 -10.66
N VAL A 160 -4.44 5.73 -11.36
CA VAL A 160 -3.49 6.82 -11.16
C VAL A 160 -4.08 8.14 -11.61
N ALA A 161 -4.87 8.13 -12.69
CA ALA A 161 -5.53 9.34 -13.14
C ALA A 161 -6.52 9.85 -12.11
N LEU A 162 -7.33 8.94 -11.55
CA LEU A 162 -8.31 9.36 -10.56
C LEU A 162 -7.64 9.88 -9.30
N GLN A 163 -6.55 9.25 -8.88
CA GLN A 163 -5.85 9.71 -7.68
C GLN A 163 -5.12 11.02 -7.91
N HIS A 164 -4.62 11.26 -9.12
CA HIS A 164 -3.98 12.52 -9.45
C HIS A 164 -4.95 13.69 -9.43
N CYS A 165 -6.24 13.43 -9.57
CA CYS A 165 -7.26 14.46 -9.45
C CYS A 165 -7.73 14.64 -8.00
N GLY A 166 -6.98 14.12 -7.04
CA GLY A 166 -7.34 14.28 -5.64
C GLY A 166 -8.40 13.33 -5.14
N LEU A 167 -8.82 12.35 -5.93
CA LEU A 167 -9.78 11.36 -5.47
C LEU A 167 -9.07 10.23 -4.75
N ASP A 168 -9.84 9.49 -3.95
CA ASP A 168 -9.34 8.31 -3.24
C ASP A 168 -10.29 7.14 -3.45
N PRO A 169 -10.29 6.55 -4.65
CA PRO A 169 -11.23 5.47 -4.94
C PRO A 169 -10.75 4.14 -4.38
N SER A 170 -11.71 3.28 -4.07
CA SER A 170 -11.38 1.88 -3.85
C SER A 170 -10.95 1.25 -5.17
N PHE A 171 -10.10 0.23 -5.08
CA PHE A 171 -9.75 -0.45 -6.31
C PHE A 171 -9.25 -1.87 -6.01
N ALA A 172 -9.25 -2.68 -7.08
CA ALA A 172 -8.72 -4.04 -7.06
C ALA A 172 -8.22 -4.32 -8.48
N VAL A 173 -6.95 -4.01 -8.73
CA VAL A 173 -6.32 -4.19 -10.03
C VAL A 173 -5.44 -5.44 -9.97
N GLY A 174 -5.26 -6.08 -11.12
CA GLY A 174 -4.40 -7.25 -11.18
C GLY A 174 -5.12 -8.51 -11.61
N GLY A 175 -4.37 -9.46 -12.16
CA GLY A 175 -4.95 -10.72 -12.60
C GLY A 175 -4.40 -11.19 -13.94
N GLU A 176 -4.42 -10.30 -14.93
CA GLU A 176 -3.95 -10.65 -16.26
C GLU A 176 -2.44 -10.91 -16.27
N LEU A 177 -1.67 -10.03 -15.64
CA LEU A 177 -0.22 -10.18 -15.54
C LEU A 177 0.19 -11.13 -14.43
N GLY A 178 -0.64 -12.12 -14.14
CA GLY A 178 -0.37 -13.00 -13.01
C GLY A 178 -0.54 -12.26 -11.70
N GLU A 179 0.50 -12.26 -10.86
CA GLU A 179 0.49 -11.47 -9.64
C GLU A 179 1.18 -10.11 -9.78
N ALA A 180 1.84 -9.87 -10.91
CA ALA A 180 2.40 -8.56 -11.19
C ALA A 180 1.27 -7.54 -11.37
N GLY A 181 1.50 -6.33 -10.84
CA GLY A 181 0.51 -5.28 -10.91
C GLY A 181 -0.68 -5.46 -10.01
N THR A 182 -0.83 -6.61 -9.36
CA THR A 182 -1.96 -6.83 -8.47
C THR A 182 -1.86 -5.93 -7.26
N ASN A 183 -2.97 -5.29 -6.91
CA ASN A 183 -3.03 -4.39 -5.77
C ASN A 183 -4.49 -4.02 -5.50
N ALA A 184 -4.91 -4.07 -4.25
CA ALA A 184 -6.23 -3.62 -3.87
C ALA A 184 -6.11 -2.56 -2.79
N HIS A 185 -7.19 -1.83 -2.58
CA HIS A 185 -7.18 -0.72 -1.64
C HIS A 185 -8.61 -0.31 -1.36
N HIS A 186 -8.90 -0.03 -0.09
CA HIS A 186 -10.20 0.48 0.34
C HIS A 186 -10.09 2.00 0.47
N GLY A 187 -10.72 2.71 -0.47
CA GLY A 187 -10.67 4.17 -0.48
C GLY A 187 -11.84 4.80 0.23
N SER A 188 -11.77 6.12 0.36
CA SER A 188 -12.78 6.89 1.05
C SER A 188 -13.80 7.52 0.11
N GLY A 189 -13.75 7.18 -1.18
CA GLY A 189 -14.60 7.78 -2.17
C GLY A 189 -15.68 6.82 -2.68
N ASP A 190 -16.55 7.36 -3.52
CA ASP A 190 -17.64 6.60 -4.09
C ASP A 190 -17.23 5.77 -5.30
N CYS A 191 -15.98 5.86 -5.74
CA CYS A 191 -15.55 5.14 -6.92
C CYS A 191 -14.90 3.82 -6.54
N PHE A 192 -14.94 2.88 -7.49
CA PHE A 192 -14.35 1.56 -7.29
C PHE A 192 -13.87 1.09 -8.66
N VAL A 193 -12.55 1.15 -8.88
CA VAL A 193 -11.95 0.65 -10.10
C VAL A 193 -11.62 -0.81 -9.92
N ALA A 194 -11.82 -1.61 -10.97
CA ALA A 194 -11.55 -3.03 -10.87
C ALA A 194 -11.16 -3.59 -12.22
N GLU A 195 -10.18 -4.48 -12.21
CA GLU A 195 -9.84 -5.31 -13.36
C GLU A 195 -10.71 -6.56 -13.30
N ALA A 196 -11.49 -6.79 -14.36
CA ALA A 196 -12.42 -7.91 -14.41
C ALA A 196 -11.91 -8.93 -15.42
N ASP A 197 -11.55 -10.11 -14.91
CA ASP A 197 -11.07 -11.18 -15.79
C ASP A 197 -12.21 -11.71 -16.66
N GLU A 198 -11.85 -12.13 -17.87
CA GLU A 198 -12.82 -12.64 -18.83
C GLU A 198 -12.58 -14.08 -19.24
N SER A 199 -11.44 -14.67 -18.87
CA SER A 199 -11.14 -16.04 -19.26
C SER A 199 -11.83 -17.08 -18.38
N ASP A 200 -12.69 -16.66 -17.45
CA ASP A 200 -13.32 -17.61 -16.55
C ASP A 200 -14.77 -17.28 -16.24
N GLY A 201 -15.39 -16.36 -16.99
CA GLY A 201 -16.78 -16.03 -16.75
C GLY A 201 -17.03 -15.11 -15.57
N SER A 202 -16.00 -14.38 -15.11
CA SER A 202 -16.17 -13.51 -13.96
C SER A 202 -16.94 -12.24 -14.32
N LEU A 203 -16.90 -11.83 -15.59
CA LEU A 203 -17.55 -10.60 -16.01
C LEU A 203 -19.02 -10.57 -15.59
N LEU A 204 -19.71 -11.70 -15.70
CA LEU A 204 -21.12 -11.78 -15.37
C LEU A 204 -21.40 -11.54 -13.88
N GLN A 205 -20.38 -11.59 -13.04
CA GLN A 205 -20.55 -11.32 -11.61
C GLN A 205 -20.68 -9.84 -11.30
N TYR A 206 -20.28 -8.96 -12.22
CA TYR A 206 -20.13 -7.55 -11.92
C TYR A 206 -21.24 -6.72 -12.57
N THR A 207 -21.40 -5.50 -12.06
CA THR A 207 -22.43 -4.56 -12.51
C THR A 207 -21.75 -3.21 -12.72
N PRO A 208 -21.12 -3.01 -13.88
CA PRO A 208 -20.33 -1.79 -14.08
C PRO A 208 -21.19 -0.56 -14.27
N HIS A 209 -20.74 0.56 -13.69
CA HIS A 209 -21.25 1.86 -14.11
C HIS A 209 -20.51 2.35 -15.35
N VAL A 210 -19.21 2.05 -15.43
CA VAL A 210 -18.41 2.33 -16.61
C VAL A 210 -17.60 1.09 -16.92
N ALA A 211 -17.81 0.51 -18.11
CA ALA A 211 -17.11 -0.70 -18.52
C ALA A 211 -16.15 -0.35 -19.65
N VAL A 212 -14.87 -0.67 -19.47
CA VAL A 212 -13.82 -0.41 -20.44
C VAL A 212 -13.41 -1.73 -21.08
N ILE A 213 -13.27 -1.72 -22.40
CA ILE A 213 -12.94 -2.92 -23.17
C ILE A 213 -11.77 -2.58 -24.08
N THR A 214 -10.58 -3.08 -23.71
CA THR A 214 -9.36 -2.77 -24.44
C THR A 214 -9.30 -3.49 -25.78
N ASN A 215 -9.60 -4.79 -25.79
CA ASN A 215 -9.62 -5.55 -27.02
C ASN A 215 -10.33 -6.86 -26.78
N ILE A 216 -10.75 -7.49 -27.89
CA ILE A 216 -11.40 -8.80 -27.87
C ILE A 216 -10.71 -9.63 -28.95
N GLU A 217 -9.76 -10.46 -28.56
CA GLU A 217 -9.04 -11.31 -29.50
C GLU A 217 -9.43 -12.76 -29.32
N SER A 218 -9.12 -13.57 -30.33
CA SER A 218 -9.43 -15.00 -30.29
C SER A 218 -8.32 -15.71 -29.52
N ASP A 219 -8.45 -15.63 -28.19
CA ASP A 219 -7.54 -16.30 -27.28
C ASP A 219 -8.29 -16.48 -25.96
N HIS A 220 -7.64 -17.19 -25.03
CA HIS A 220 -8.24 -17.56 -23.75
C HIS A 220 -9.54 -18.34 -23.93
N LEU A 221 -9.71 -19.00 -25.08
CA LEU A 221 -10.87 -19.83 -25.38
C LEU A 221 -10.82 -21.17 -24.66
N ASP A 222 -9.90 -21.35 -23.71
CA ASP A 222 -9.79 -22.61 -22.99
C ASP A 222 -11.05 -22.89 -22.15
N PHE A 223 -11.71 -21.84 -21.66
CA PHE A 223 -12.85 -22.00 -20.77
C PHE A 223 -14.19 -21.97 -21.48
N TYR A 224 -14.24 -21.50 -22.74
CA TYR A 224 -15.50 -21.32 -23.44
C TYR A 224 -15.77 -22.38 -24.50
N GLY A 225 -14.75 -23.05 -25.01
CA GLY A 225 -14.95 -24.09 -26.00
C GLY A 225 -15.23 -23.61 -27.40
N SER A 226 -15.37 -22.31 -27.61
CA SER A 226 -15.63 -21.77 -28.94
C SER A 226 -15.26 -20.30 -28.95
N VAL A 227 -15.28 -19.70 -30.13
CA VAL A 227 -15.07 -18.27 -30.27
C VAL A 227 -16.37 -17.50 -30.08
N GLU A 228 -17.48 -18.05 -30.58
CA GLU A 228 -18.77 -17.40 -30.44
C GLU A 228 -19.15 -17.22 -28.97
N ALA A 229 -18.87 -18.23 -28.14
CA ALA A 229 -19.16 -18.10 -26.72
C ALA A 229 -18.29 -17.03 -26.07
N TYR A 230 -17.02 -16.94 -26.46
CA TYR A 230 -16.13 -15.94 -25.89
C TYR A 230 -16.57 -14.53 -26.26
N VAL A 231 -17.09 -14.34 -27.47
CA VAL A 231 -17.61 -13.01 -27.81
C VAL A 231 -18.96 -12.76 -27.13
N ALA A 232 -19.77 -13.81 -26.95
CA ALA A 232 -21.05 -13.64 -26.28
C ALA A 232 -20.87 -13.28 -24.82
N VAL A 233 -19.73 -13.65 -24.21
CA VAL A 233 -19.49 -13.25 -22.83
C VAL A 233 -19.32 -11.73 -22.73
N PHE A 234 -18.66 -11.12 -23.72
CA PHE A 234 -18.55 -9.66 -23.74
C PHE A 234 -19.89 -9.02 -24.06
N ASP A 235 -20.68 -9.65 -24.94
CA ASP A 235 -22.04 -9.17 -25.18
C ASP A 235 -22.84 -9.12 -23.89
N SER A 236 -22.83 -10.23 -23.13
CA SER A 236 -23.56 -10.28 -21.87
C SER A 236 -23.00 -9.32 -20.84
N PHE A 237 -21.69 -9.07 -20.87
CA PHE A 237 -21.11 -8.07 -19.99
C PHE A 237 -21.66 -6.68 -20.30
N VAL A 238 -21.75 -6.33 -21.58
CA VAL A 238 -22.34 -5.05 -21.98
C VAL A 238 -23.82 -4.99 -21.58
N GLU A 239 -24.51 -6.13 -21.59
CA GLU A 239 -25.89 -6.14 -21.09
C GLU A 239 -25.96 -5.77 -19.61
N ARG A 240 -24.90 -6.06 -18.84
CA ARG A 240 -24.91 -5.85 -17.40
C ARG A 240 -24.66 -4.41 -16.97
N ILE A 241 -24.27 -3.53 -17.90
CA ILE A 241 -24.03 -2.13 -17.54
C ILE A 241 -25.32 -1.51 -17.01
N VAL A 242 -25.19 -0.71 -15.95
CA VAL A 242 -26.33 -0.03 -15.35
C VAL A 242 -26.95 0.89 -16.39
N PRO A 243 -28.27 1.10 -16.36
CA PRO A 243 -28.88 2.10 -17.25
C PRO A 243 -28.28 3.48 -17.02
N GLY A 244 -27.94 4.14 -18.12
CA GLY A 244 -27.23 5.40 -18.05
C GLY A 244 -25.73 5.30 -18.01
N GLY A 245 -25.19 4.07 -17.97
CA GLY A 245 -23.75 3.88 -17.91
C GLY A 245 -23.09 3.99 -19.27
N ALA A 246 -21.77 3.81 -19.27
CA ALA A 246 -20.94 4.00 -20.46
C ALA A 246 -20.11 2.76 -20.74
N LEU A 247 -19.91 2.50 -22.03
CA LEU A 247 -19.01 1.45 -22.51
C LEU A 247 -17.88 2.17 -23.26
N VAL A 248 -16.73 2.28 -22.62
CA VAL A 248 -15.52 2.73 -23.31
C VAL A 248 -14.94 1.52 -24.02
N VAL A 249 -14.59 1.68 -25.30
CA VAL A 249 -14.15 0.53 -26.08
C VAL A 249 -13.15 0.98 -27.13
N CYS A 250 -12.13 0.14 -27.36
CA CYS A 250 -11.18 0.39 -28.44
C CYS A 250 -11.72 -0.15 -29.75
N THR A 251 -11.80 0.71 -30.77
CA THR A 251 -12.33 0.33 -32.08
C THR A 251 -11.24 0.05 -33.11
N ASP A 252 -9.97 0.08 -32.71
CA ASP A 252 -8.93 -0.45 -33.60
C ASP A 252 -8.94 -1.97 -33.60
N ASP A 253 -9.28 -2.59 -32.48
CA ASP A 253 -9.43 -4.03 -32.42
C ASP A 253 -10.70 -4.44 -33.18
N PRO A 254 -10.64 -5.47 -34.03
CA PRO A 254 -11.85 -5.86 -34.79
C PRO A 254 -13.03 -6.26 -33.91
N GLY A 255 -12.81 -7.18 -32.96
CA GLY A 255 -13.87 -7.53 -32.04
C GLY A 255 -14.37 -6.35 -31.22
N GLY A 256 -13.47 -5.45 -30.86
CA GLY A 256 -13.88 -4.26 -30.13
C GLY A 256 -14.80 -3.36 -30.93
N ALA A 257 -14.51 -3.20 -32.23
CA ALA A 257 -15.37 -2.37 -33.08
C ALA A 257 -16.70 -3.07 -33.34
N ALA A 258 -16.68 -4.39 -33.50
CA ALA A 258 -17.93 -5.14 -33.63
C ALA A 258 -18.82 -4.94 -32.41
N LEU A 259 -18.23 -5.05 -31.21
CA LEU A 259 -19.00 -4.83 -29.99
C LEU A 259 -19.44 -3.39 -29.86
N ALA A 260 -18.64 -2.44 -30.31
CA ALA A 260 -19.06 -1.04 -30.30
C ALA A 260 -20.32 -0.85 -31.12
N GLN A 261 -20.34 -1.43 -32.33
CA GLN A 261 -21.53 -1.33 -33.17
C GLN A 261 -22.73 -2.01 -32.54
N ARG A 262 -22.53 -3.22 -32.02
CA ARG A 262 -23.63 -3.95 -31.39
C ARG A 262 -24.21 -3.16 -30.22
N ALA A 263 -23.35 -2.59 -29.38
CA ALA A 263 -23.83 -1.82 -28.23
C ALA A 263 -24.44 -0.50 -28.64
N THR A 264 -24.01 0.07 -29.78
CA THR A 264 -24.65 1.27 -30.29
C THR A 264 -26.06 0.96 -30.77
N GLU A 265 -26.26 -0.24 -31.34
CA GLU A 265 -27.61 -0.65 -31.73
C GLU A 265 -28.51 -0.75 -30.50
N LEU A 266 -27.97 -1.22 -29.37
CA LEU A 266 -28.73 -1.39 -28.14
C LEU A 266 -29.07 -0.08 -27.46
N GLY A 267 -28.71 1.05 -28.03
CA GLY A 267 -28.97 2.32 -27.35
C GLY A 267 -28.18 2.47 -26.06
N ILE A 268 -26.93 2.02 -26.06
CA ILE A 268 -26.04 2.16 -24.91
C ILE A 268 -24.98 3.20 -25.26
N ARG A 269 -24.67 4.07 -24.30
CA ARG A 269 -23.62 5.06 -24.49
C ARG A 269 -22.29 4.37 -24.79
N VAL A 270 -21.78 4.56 -26.01
CA VAL A 270 -20.54 3.93 -26.46
C VAL A 270 -19.53 5.03 -26.71
N LEU A 271 -18.43 5.01 -25.96
CA LEU A 271 -17.32 5.93 -26.18
C LEU A 271 -16.19 5.16 -26.85
N ARG A 272 -16.00 5.43 -28.15
CA ARG A 272 -15.02 4.74 -28.97
C ARG A 272 -13.68 5.48 -28.93
N TYR A 273 -12.59 4.72 -28.88
CA TYR A 273 -11.27 5.32 -28.99
C TYR A 273 -10.39 4.46 -29.89
N GLY A 274 -9.52 5.12 -30.66
CA GLY A 274 -8.65 4.41 -31.56
C GLY A 274 -7.95 5.36 -32.51
N SER A 275 -7.34 4.77 -33.54
CA SER A 275 -6.59 5.51 -34.54
C SER A 275 -7.44 5.89 -35.74
N VAL A 276 -8.33 5.00 -36.17
CA VAL A 276 -9.16 5.27 -37.35
C VAL A 276 -10.24 6.29 -36.98
N PRO A 277 -10.36 7.39 -37.72
CA PRO A 277 -11.39 8.40 -37.40
C PRO A 277 -12.77 7.93 -37.83
N GLY A 278 -13.77 8.75 -37.48
CA GLY A 278 -15.13 8.43 -37.81
C GLY A 278 -16.08 9.46 -37.25
N GLU A 279 -17.36 9.29 -37.58
CA GLU A 279 -18.40 10.22 -37.15
C GLU A 279 -18.91 9.95 -35.75
N THR A 280 -18.39 8.94 -35.05
CA THR A 280 -18.86 8.60 -33.71
C THR A 280 -17.72 8.42 -32.73
N MET A 281 -16.54 8.97 -33.02
CA MET A 281 -15.38 8.77 -32.16
C MET A 281 -15.40 9.75 -30.99
N ALA A 282 -15.13 9.24 -29.79
CA ALA A 282 -15.06 10.07 -28.61
C ALA A 282 -13.64 10.56 -28.32
N ALA A 283 -12.63 9.77 -28.70
CA ALA A 283 -11.23 10.15 -28.52
C ALA A 283 -10.43 9.49 -29.63
N THR A 284 -9.89 10.29 -30.54
CA THR A 284 -9.15 9.78 -31.70
C THR A 284 -7.67 10.04 -31.51
N LEU A 285 -6.85 9.01 -31.70
CA LEU A 285 -5.41 9.15 -31.69
C LEU A 285 -4.96 9.66 -33.06
N VAL A 286 -4.56 10.93 -33.11
CA VAL A 286 -4.17 11.53 -34.39
C VAL A 286 -2.73 11.16 -34.73
N SER A 287 -1.81 11.38 -33.79
CA SER A 287 -0.40 11.08 -34.05
C SER A 287 0.26 10.55 -32.78
N TRP A 288 1.36 9.84 -32.98
CA TRP A 288 2.15 9.30 -31.88
C TRP A 288 3.61 9.20 -32.32
N GLN A 289 4.52 9.66 -31.47
CA GLN A 289 5.95 9.59 -31.75
C GLN A 289 6.71 9.35 -30.45
N GLN A 290 7.64 8.41 -30.48
CA GLN A 290 8.49 8.11 -29.33
C GLN A 290 9.77 8.93 -29.40
N GLN A 291 10.09 9.56 -28.31
CA GLN A 291 11.31 10.28 -28.21
C GLN A 291 12.06 9.80 -26.97
N GLY A 292 13.21 10.39 -26.69
CA GLY A 292 14.04 9.94 -25.59
C GLY A 292 13.44 10.04 -24.22
N VAL A 293 12.78 11.13 -23.95
CA VAL A 293 12.17 11.27 -22.67
C VAL A 293 11.08 10.26 -22.43
N GLY A 294 10.26 10.10 -23.46
CA GLY A 294 9.09 9.24 -23.48
C GLY A 294 8.34 9.54 -24.76
N ALA A 295 7.06 9.26 -24.82
CA ALA A 295 6.29 9.48 -26.03
C ALA A 295 5.37 10.68 -26.02
N VAL A 296 5.02 11.16 -27.20
CA VAL A 296 4.09 12.28 -27.34
C VAL A 296 3.05 11.90 -28.38
N ALA A 297 1.77 12.03 -28.02
CA ALA A 297 0.67 11.67 -28.91
C ALA A 297 -0.29 12.85 -29.01
N HIS A 298 -0.55 13.28 -30.23
CA HIS A 298 -1.57 14.28 -30.47
C HIS A 298 -2.91 13.56 -30.60
N ILE A 299 -3.85 13.93 -29.74
CA ILE A 299 -5.15 13.27 -29.67
C ILE A 299 -6.24 14.30 -29.93
N ARG A 300 -7.44 13.80 -30.22
CA ARG A 300 -8.59 14.64 -30.51
C ARG A 300 -9.78 14.10 -29.71
N LEU A 301 -10.39 14.95 -28.90
CA LEU A 301 -11.56 14.59 -28.11
C LEU A 301 -12.81 15.15 -28.75
N ALA A 302 -13.95 14.53 -28.42
CA ALA A 302 -15.23 15.01 -28.88
C ALA A 302 -15.57 16.34 -28.21
N SER A 303 -16.54 17.05 -28.80
CA SER A 303 -16.93 18.36 -28.27
C SER A 303 -17.62 18.23 -26.91
N GLU A 304 -18.34 17.12 -26.69
CA GLU A 304 -19.03 16.91 -25.43
C GLU A 304 -18.09 16.51 -24.30
N LEU A 305 -16.85 16.13 -24.61
CA LEU A 305 -15.92 15.65 -23.60
C LEU A 305 -14.82 16.68 -23.32
N GLY A 310 -8.84 22.48 -28.55
CA GLY A 310 -8.86 21.72 -29.79
C GLY A 310 -8.11 20.40 -29.71
N PRO A 311 -7.23 20.15 -30.69
CA PRO A 311 -6.39 18.94 -30.66
C PRO A 311 -5.39 19.01 -29.51
N ARG A 312 -5.52 18.08 -28.57
CA ARG A 312 -4.73 18.10 -27.36
C ARG A 312 -3.46 17.29 -27.51
N VAL A 313 -2.49 17.55 -26.63
CA VAL A 313 -1.24 16.82 -26.58
C VAL A 313 -1.25 15.94 -25.34
N MET A 314 -0.79 14.70 -25.49
CA MET A 314 -0.75 13.72 -24.41
C MET A 314 0.65 13.15 -24.37
N ARG A 315 1.43 13.53 -23.37
CA ARG A 315 2.78 13.02 -23.19
C ARG A 315 2.77 11.89 -22.17
N LEU A 316 3.57 10.86 -22.44
CA LEU A 316 3.58 9.65 -21.62
C LEU A 316 5.01 9.27 -21.27
N SER A 317 5.16 8.58 -20.15
CA SER A 317 6.45 8.08 -19.69
C SER A 317 6.69 6.62 -20.04
N VAL A 318 5.67 5.90 -20.48
CA VAL A 318 5.82 4.49 -20.86
C VAL A 318 6.01 4.40 -22.36
N PRO A 319 6.83 3.48 -22.84
CA PRO A 319 7.06 3.35 -24.29
C PRO A 319 6.02 2.47 -24.97
N GLY A 320 5.85 2.71 -26.25
CA GLY A 320 4.95 1.90 -27.04
C GLY A 320 3.70 2.66 -27.46
N ARG A 321 3.23 2.39 -28.67
CA ARG A 321 2.04 3.04 -29.18
C ARG A 321 0.76 2.46 -28.62
N HIS A 322 0.77 1.21 -28.15
CA HIS A 322 -0.41 0.63 -27.52
C HIS A 322 -0.69 1.29 -26.18
N MET A 323 0.36 1.84 -25.54
CA MET A 323 0.14 2.59 -24.32
C MET A 323 -0.69 3.84 -24.57
N ALA A 324 -0.59 4.42 -25.77
CA ALA A 324 -1.43 5.57 -26.11
C ALA A 324 -2.91 5.19 -26.11
N LEU A 325 -3.25 4.05 -26.71
CA LEU A 325 -4.63 3.61 -26.72
C LEU A 325 -5.12 3.28 -25.31
N ASN A 326 -4.28 2.61 -24.51
CA ASN A 326 -4.67 2.34 -23.13
C ASN A 326 -4.91 3.63 -22.35
N ALA A 327 -4.07 4.64 -22.58
CA ALA A 327 -4.27 5.92 -21.92
C ALA A 327 -5.56 6.59 -22.38
N LEU A 328 -5.90 6.47 -23.65
CA LEU A 328 -7.16 7.03 -24.14
C LEU A 328 -8.34 6.34 -23.47
N GLY A 329 -8.27 5.02 -23.30
CA GLY A 329 -9.34 4.32 -22.61
C GLY A 329 -9.49 4.77 -21.17
N ALA A 330 -8.38 4.85 -20.44
CA ALA A 330 -8.42 5.37 -19.08
C ALA A 330 -8.95 6.80 -19.04
N LEU A 331 -8.57 7.62 -20.01
CA LEU A 331 -9.00 9.02 -20.04
C LEU A 331 -10.51 9.12 -20.23
N LEU A 332 -11.06 8.36 -21.18
CA LEU A 332 -12.51 8.37 -21.39
C LEU A 332 -13.24 7.90 -20.15
N ALA A 333 -12.76 6.80 -19.55
CA ALA A 333 -13.41 6.28 -18.34
C ALA A 333 -13.36 7.30 -17.20
N ALA A 334 -12.27 8.05 -17.10
CA ALA A 334 -12.13 9.01 -16.02
C ALA A 334 -12.99 10.25 -16.25
N VAL A 335 -13.09 10.71 -17.49
CA VAL A 335 -13.90 11.89 -17.77
C VAL A 335 -15.38 11.57 -17.65
N GLN A 336 -15.77 10.33 -17.94
CA GLN A 336 -17.18 9.96 -17.84
C GLN A 336 -17.75 10.20 -16.45
N ILE A 337 -16.96 9.94 -15.41
CA ILE A 337 -17.42 10.14 -14.04
C ILE A 337 -17.18 11.58 -13.63
N GLY A 338 -16.76 12.42 -14.56
CA GLY A 338 -16.64 13.84 -14.32
C GLY A 338 -15.26 14.36 -13.97
N ALA A 339 -14.20 13.69 -14.39
CA ALA A 339 -12.90 14.28 -14.09
C ALA A 339 -12.42 15.13 -15.26
N PRO A 340 -11.85 16.32 -14.97
CA PRO A 340 -11.41 17.20 -16.06
C PRO A 340 -10.34 16.55 -16.91
N ALA A 341 -10.56 16.54 -18.23
CA ALA A 341 -9.70 15.79 -19.13
C ALA A 341 -8.27 16.32 -19.13
N ASP A 342 -8.09 17.62 -18.94
CA ASP A 342 -6.75 18.20 -19.02
C ASP A 342 -5.86 17.70 -17.89
N GLU A 343 -6.34 17.79 -16.65
CA GLU A 343 -5.53 17.28 -15.55
C GLU A 343 -5.56 15.76 -15.46
N VAL A 344 -6.54 15.10 -16.09
CA VAL A 344 -6.46 13.65 -16.24
C VAL A 344 -5.29 13.28 -17.15
N LEU A 345 -5.10 14.04 -18.25
CA LEU A 345 -3.91 13.87 -19.07
C LEU A 345 -2.64 14.15 -18.27
N ASP A 346 -2.67 15.21 -17.46
CA ASP A 346 -1.55 15.49 -16.57
C ASP A 346 -1.22 14.27 -15.71
N GLY A 347 -2.24 13.62 -15.16
CA GLY A 347 -2.01 12.44 -14.34
C GLY A 347 -1.46 11.26 -15.14
N LEU A 348 -2.01 11.04 -16.34
CA LEU A 348 -1.51 9.97 -17.20
C LEU A 348 -0.05 10.19 -17.57
N ALA A 349 0.37 11.46 -17.67
CA ALA A 349 1.77 11.74 -17.97
C ALA A 349 2.73 11.27 -16.89
N GLY A 350 2.24 11.03 -15.67
CA GLY A 350 3.08 10.53 -14.60
C GLY A 350 3.20 9.03 -14.51
N PHE A 351 2.36 8.30 -15.24
CA PHE A 351 2.37 6.83 -15.19
C PHE A 351 3.70 6.30 -15.70
N GLU A 352 4.40 5.56 -14.82
CA GLU A 352 5.71 5.01 -15.15
C GLU A 352 5.65 3.53 -15.53
N GLY A 353 4.50 2.90 -15.42
CA GLY A 353 4.31 1.53 -15.87
C GLY A 353 3.99 0.59 -14.74
N VAL A 354 3.57 -0.61 -15.14
CA VAL A 354 3.26 -1.70 -14.22
C VAL A 354 4.30 -2.80 -14.45
N ARG A 355 4.58 -3.57 -13.38
CA ARG A 355 5.60 -4.62 -13.46
C ARG A 355 5.27 -5.61 -14.56
N ARG A 356 6.31 -6.02 -15.30
CA ARG A 356 6.23 -6.96 -16.41
C ARG A 356 5.43 -6.39 -17.58
N ARG A 357 5.39 -5.07 -17.70
CA ARG A 357 4.86 -4.38 -18.89
C ARG A 357 6.00 -3.54 -19.45
N PHE A 358 6.92 -4.20 -20.16
CA PHE A 358 8.15 -3.60 -20.64
C PHE A 358 8.92 -2.94 -19.50
N GLU A 359 8.94 -3.61 -18.35
CA GLU A 359 9.60 -3.09 -17.17
C GLU A 359 11.10 -3.16 -17.34
N LEU A 360 11.76 -2.01 -17.25
CA LEU A 360 13.22 -1.96 -17.38
C LEU A 360 13.87 -2.69 -16.22
N VAL A 361 14.47 -3.85 -16.51
CA VAL A 361 15.13 -4.62 -15.46
C VAL A 361 16.43 -3.97 -15.05
N GLY A 362 17.22 -3.50 -16.02
CA GLY A 362 18.48 -2.86 -15.64
C GLY A 362 19.32 -2.50 -16.85
N THR A 363 20.58 -2.20 -16.55
CA THR A 363 21.51 -1.68 -17.54
C THR A 363 22.94 -2.04 -17.15
N CYS A 364 23.73 -2.41 -18.16
CA CYS A 364 25.18 -2.49 -18.02
C CYS A 364 25.81 -1.47 -18.97
N GLY A 365 26.73 -0.67 -18.46
CA GLY A 365 27.25 0.46 -19.20
C GLY A 365 26.49 1.73 -18.89
N VAL A 366 26.82 2.80 -19.61
CA VAL A 366 26.21 4.10 -19.39
C VAL A 366 26.14 4.85 -20.71
N GLY A 367 25.07 5.62 -20.87
CA GLY A 367 24.90 6.42 -22.09
C GLY A 367 24.69 5.54 -23.31
N LYS A 368 25.29 5.94 -24.42
CA LYS A 368 25.32 5.07 -25.58
C LYS A 368 26.25 3.88 -25.31
N ALA A 369 26.19 2.89 -26.20
CA ALA A 369 26.94 1.65 -26.06
C ALA A 369 26.65 0.92 -24.76
N SER A 370 25.48 1.16 -24.18
CA SER A 370 25.04 0.48 -22.96
C SER A 370 23.91 -0.47 -23.29
N VAL A 371 23.87 -1.60 -22.59
CA VAL A 371 22.89 -2.65 -22.84
C VAL A 371 21.80 -2.57 -21.78
N ARG A 372 20.55 -2.52 -22.23
CA ARG A 372 19.40 -2.41 -21.36
C ARG A 372 18.58 -3.70 -21.41
N VAL A 373 18.09 -4.13 -20.25
CA VAL A 373 17.33 -5.37 -20.10
C VAL A 373 15.93 -5.03 -19.59
N PHE A 374 14.91 -5.44 -20.36
CA PHE A 374 13.50 -5.24 -20.07
C PHE A 374 12.81 -6.60 -19.90
N ASP A 375 11.68 -6.58 -19.19
CA ASP A 375 10.90 -7.78 -18.92
C ASP A 375 9.43 -7.52 -19.24
N ASP A 376 8.85 -8.36 -20.09
CA ASP A 376 7.46 -8.20 -20.51
C ASP A 376 6.71 -9.52 -20.33
N TYR A 377 5.38 -9.40 -20.21
CA TYR A 377 4.50 -10.53 -19.97
C TYR A 377 3.86 -11.07 -21.24
N ALA A 378 4.25 -10.54 -22.40
CA ALA A 378 3.61 -10.89 -23.67
C ALA A 378 3.60 -12.39 -23.90
N HIS A 379 2.41 -12.96 -24.04
CA HIS A 379 2.25 -14.37 -24.36
C HIS A 379 1.26 -14.61 -25.49
N HIS A 380 0.63 -13.54 -26.04
CA HIS A 380 -0.21 -13.53 -27.22
C HIS A 380 0.57 -12.94 -28.40
N PRO A 381 0.33 -13.44 -29.62
CA PRO A 381 1.10 -12.94 -30.77
C PRO A 381 0.97 -11.43 -30.98
N THR A 382 -0.22 -10.87 -30.74
CA THR A 382 -0.38 -9.43 -30.83
C THR A 382 0.44 -8.71 -29.75
N GLU A 383 0.38 -9.21 -28.52
CA GLU A 383 1.22 -8.69 -27.44
C GLU A 383 2.69 -8.72 -27.84
N ILE A 384 3.14 -9.85 -28.39
CA ILE A 384 4.54 -10.00 -28.77
C ILE A 384 4.92 -8.96 -29.82
N SER A 385 4.09 -8.84 -30.86
CA SER A 385 4.38 -7.87 -31.91
C SER A 385 4.45 -6.45 -31.35
N ALA A 386 3.52 -6.10 -30.46
CA ALA A 386 3.50 -4.75 -29.91
C ALA A 386 4.70 -4.48 -29.02
N THR A 387 5.09 -5.45 -28.19
CA THR A 387 6.26 -5.29 -27.34
C THR A 387 7.53 -5.14 -28.17
N LEU A 388 7.68 -5.97 -29.21
CA LEU A 388 8.85 -5.87 -30.07
C LEU A 388 8.86 -4.57 -30.85
N ALA A 389 7.69 -4.06 -31.25
CA ALA A 389 7.63 -2.78 -31.93
C ALA A 389 8.04 -1.64 -31.00
N ALA A 390 7.58 -1.70 -29.74
CA ALA A 390 7.98 -0.67 -28.77
C ALA A 390 9.48 -0.71 -28.51
N ALA A 391 10.05 -1.91 -28.41
CA ALA A 391 11.49 -2.02 -28.23
C ALA A 391 12.23 -1.49 -29.44
N ARG A 392 11.73 -1.77 -30.65
CA ARG A 392 12.34 -1.24 -31.86
C ARG A 392 12.30 0.29 -31.87
N MET A 393 11.19 0.88 -31.42
CA MET A 393 11.09 2.33 -31.42
C MET A 393 12.00 2.97 -30.37
N VAL A 394 12.13 2.33 -29.20
CA VAL A 394 13.06 2.83 -28.19
C VAL A 394 14.49 2.69 -28.69
N LEU A 395 14.76 1.68 -29.52
CA LEU A 395 16.12 1.44 -29.99
C LEU A 395 16.48 2.31 -31.19
N GLU A 396 15.51 2.66 -32.03
CA GLU A 396 15.79 3.38 -33.27
C GLU A 396 16.46 4.73 -32.98
N GLN A 397 15.76 5.61 -32.25
CA GLN A 397 16.36 6.87 -31.82
C GLN A 397 17.32 6.62 -30.65
N GLY A 398 18.34 5.81 -30.94
CA GLY A 398 19.41 5.50 -30.02
C GLY A 398 20.73 5.40 -30.77
N ASP A 399 20.67 5.63 -32.08
CA ASP A 399 21.85 5.72 -32.94
C ASP A 399 22.62 4.41 -33.00
N GLY A 400 21.90 3.29 -33.03
CA GLY A 400 22.58 2.02 -33.22
C GLY A 400 22.32 1.02 -32.12
N GLY A 401 21.91 -0.19 -32.51
CA GLY A 401 21.65 -1.24 -31.56
C GLY A 401 20.87 -2.36 -32.20
N ARG A 402 20.87 -3.50 -31.50
CA ARG A 402 20.17 -4.70 -31.93
C ARG A 402 19.05 -5.03 -30.96
N CYS A 403 18.02 -5.69 -31.46
CA CYS A 403 16.87 -6.13 -30.68
C CYS A 403 16.99 -7.64 -30.48
N MET A 404 17.37 -8.04 -29.28
CA MET A 404 17.46 -9.45 -28.90
C MET A 404 16.34 -9.77 -27.92
N VAL A 405 15.53 -10.77 -28.26
CA VAL A 405 14.39 -11.15 -27.43
C VAL A 405 14.58 -12.58 -26.96
N VAL A 406 14.11 -12.86 -25.76
CA VAL A 406 14.11 -14.20 -25.18
C VAL A 406 12.66 -14.55 -24.89
N PHE A 407 12.03 -15.29 -25.79
CA PHE A 407 10.63 -15.63 -25.67
C PHE A 407 10.46 -17.01 -25.04
N GLN A 408 9.48 -17.12 -24.16
CA GLN A 408 9.10 -18.40 -23.56
C GLN A 408 7.63 -18.64 -23.80
N PRO A 409 7.25 -19.59 -24.67
CA PRO A 409 5.83 -19.85 -24.89
C PRO A 409 5.14 -20.30 -23.62
N HIS A 410 3.86 -19.98 -23.51
CA HIS A 410 3.16 -20.09 -22.23
C HIS A 410 2.58 -21.48 -21.99
N LEU A 411 1.70 -21.94 -22.86
CA LEU A 411 0.99 -23.19 -22.62
C LEU A 411 1.27 -24.19 -23.73
N TYR A 412 1.08 -25.47 -23.40
CA TYR A 412 1.25 -26.52 -24.40
C TYR A 412 0.19 -26.41 -25.50
N SER A 413 -1.07 -26.25 -25.12
CA SER A 413 -2.14 -26.13 -26.10
C SER A 413 -1.98 -24.86 -26.92
N ARG A 414 -1.69 -23.74 -26.26
CA ARG A 414 -1.56 -22.48 -26.97
C ARG A 414 -0.37 -22.50 -27.91
N THR A 415 0.72 -23.17 -27.50
CA THR A 415 1.88 -23.30 -28.38
C THR A 415 1.56 -24.18 -29.58
N LYS A 416 0.90 -25.32 -29.35
CA LYS A 416 0.51 -26.19 -30.45
C LYS A 416 -0.43 -25.47 -31.41
N ALA A 417 -1.21 -24.53 -30.91
CA ALA A 417 -2.16 -23.81 -31.76
C ALA A 417 -1.48 -22.66 -32.52
N PHE A 418 -0.85 -21.74 -31.79
CA PHE A 418 -0.36 -20.48 -32.35
C PHE A 418 1.15 -20.45 -32.52
N ALA A 419 1.74 -21.56 -32.97
CA ALA A 419 3.21 -21.59 -33.11
C ALA A 419 3.68 -20.70 -34.24
N ALA A 420 2.99 -20.75 -35.39
CA ALA A 420 3.37 -19.91 -36.52
C ALA A 420 3.17 -18.44 -36.20
N GLU A 421 2.09 -18.10 -35.49
CA GLU A 421 1.89 -16.73 -35.08
C GLU A 421 3.02 -16.26 -34.16
N PHE A 422 3.40 -17.09 -33.20
CA PHE A 422 4.50 -16.73 -32.30
C PHE A 422 5.79 -16.49 -33.07
N GLY A 423 6.10 -17.38 -34.02
CA GLY A 423 7.33 -17.22 -34.79
C GLY A 423 7.33 -15.97 -35.65
N ARG A 424 6.24 -15.76 -36.40
CA ARG A 424 6.16 -14.58 -37.25
C ARG A 424 6.16 -13.31 -36.42
N ALA A 425 5.63 -13.35 -35.20
CA ALA A 425 5.71 -12.19 -34.31
C ALA A 425 7.15 -11.95 -33.88
N LEU A 426 7.84 -13.01 -33.46
CA LEU A 426 9.23 -12.89 -33.02
C LEU A 426 10.15 -12.44 -34.16
N ASN A 427 9.71 -12.59 -35.41
CA ASN A 427 10.49 -12.12 -36.55
C ASN A 427 10.85 -10.64 -36.46
N ALA A 428 10.17 -9.87 -35.61
CA ALA A 428 10.44 -8.44 -35.47
C ALA A 428 11.63 -8.14 -34.58
N ALA A 429 12.47 -9.14 -34.27
CA ALA A 429 13.66 -8.93 -33.47
C ALA A 429 14.90 -9.25 -34.29
N ASP A 430 16.03 -8.66 -33.88
CA ASP A 430 17.30 -8.91 -34.54
C ASP A 430 17.91 -10.25 -34.15
N GLU A 431 17.55 -10.77 -32.97
CA GLU A 431 17.95 -12.12 -32.60
C GLU A 431 16.94 -12.67 -31.60
N VAL A 432 16.69 -13.97 -31.68
CA VAL A 432 15.67 -14.61 -30.88
C VAL A 432 16.30 -15.74 -30.08
N PHE A 433 15.84 -15.92 -28.85
CA PHE A 433 16.20 -17.06 -28.02
C PHE A 433 14.89 -17.66 -27.52
N VAL A 434 14.57 -18.86 -27.97
CA VAL A 434 13.30 -19.51 -27.64
C VAL A 434 13.57 -20.53 -26.55
N LEU A 435 13.02 -20.28 -25.36
CA LEU A 435 13.11 -21.23 -24.27
C LEU A 435 12.13 -22.38 -24.50
N ASP A 436 12.04 -23.28 -23.53
CA ASP A 436 11.09 -24.37 -23.64
C ASP A 436 9.71 -23.91 -23.16
N VAL A 437 8.69 -24.71 -23.47
CA VAL A 437 7.32 -24.39 -23.08
C VAL A 437 7.19 -24.41 -21.57
N TYR A 438 6.45 -23.44 -21.03
CA TYR A 438 6.19 -23.37 -19.60
C TYR A 438 5.01 -24.26 -19.25
N GLY A 439 5.17 -25.10 -18.24
CA GLY A 439 4.14 -26.03 -17.85
C GLY A 439 2.82 -25.37 -17.49
N ALA A 440 2.83 -24.62 -16.38
CA ALA A 440 1.63 -23.95 -15.86
C ALA A 440 0.51 -24.95 -15.60
N ARG A 441 0.83 -26.02 -14.88
CA ARG A 441 -0.11 -27.04 -14.41
C ARG A 441 -0.87 -27.73 -15.54
N GLU A 442 -0.46 -27.52 -16.79
CA GLU A 442 -1.12 -28.11 -17.94
C GLU A 442 -0.45 -29.42 -18.33
N GLN A 443 -1.23 -30.32 -18.90
CA GLN A 443 -0.70 -31.65 -19.24
C GLN A 443 0.18 -31.57 -20.48
N PRO A 444 1.36 -32.19 -20.47
CA PRO A 444 2.27 -32.09 -21.62
C PRO A 444 1.72 -32.81 -22.83
N LEU A 445 1.74 -32.12 -23.97
CA LEU A 445 1.27 -32.68 -25.23
C LEU A 445 2.43 -33.30 -25.99
N ALA A 446 2.18 -34.47 -26.58
CA ALA A 446 3.23 -35.17 -27.32
C ALA A 446 3.57 -34.43 -28.60
N GLY A 447 4.87 -34.38 -28.91
CA GLY A 447 5.34 -33.71 -30.10
C GLY A 447 5.40 -32.21 -30.02
N VAL A 448 5.09 -31.62 -28.88
CA VAL A 448 5.09 -30.18 -28.69
C VAL A 448 6.22 -29.79 -27.75
N SER A 449 7.00 -28.80 -28.14
CA SER A 449 8.03 -28.22 -27.28
C SER A 449 8.25 -26.78 -27.72
N GLY A 450 9.22 -26.11 -27.08
CA GLY A 450 9.55 -24.76 -27.47
C GLY A 450 10.02 -24.66 -28.91
N ALA A 451 10.70 -25.70 -29.40
CA ALA A 451 11.17 -25.70 -30.78
C ALA A 451 10.03 -25.61 -31.77
N SER A 452 8.83 -26.03 -31.39
CA SER A 452 7.66 -25.87 -32.26
C SER A 452 7.48 -24.43 -32.68
N VAL A 453 7.87 -23.48 -31.82
CA VAL A 453 7.87 -22.08 -32.20
C VAL A 453 9.11 -21.72 -33.00
N ALA A 454 10.27 -22.23 -32.59
CA ALA A 454 11.52 -21.89 -33.25
C ALA A 454 11.52 -22.31 -34.71
N GLU A 455 10.72 -23.32 -35.06
CA GLU A 455 10.57 -23.73 -36.45
C GLU A 455 10.20 -22.55 -37.34
N HIS A 456 9.33 -21.66 -36.84
CA HIS A 456 8.76 -20.57 -37.63
C HIS A 456 9.48 -19.25 -37.39
N VAL A 457 10.75 -19.27 -37.04
CA VAL A 457 11.53 -18.06 -36.78
C VAL A 457 12.55 -17.90 -37.90
N THR A 458 12.34 -16.89 -38.74
CA THR A 458 13.21 -16.66 -39.89
C THR A 458 14.41 -15.78 -39.59
N VAL A 459 14.41 -15.10 -38.45
CA VAL A 459 15.53 -14.24 -38.06
C VAL A 459 16.57 -15.09 -37.33
N PRO A 460 17.79 -14.59 -37.10
CA PRO A 460 18.77 -15.38 -36.34
C PRO A 460 18.23 -15.75 -34.96
N MET A 461 18.24 -17.05 -34.67
CA MET A 461 17.66 -17.51 -33.42
C MET A 461 18.39 -18.75 -32.94
N ARG A 462 18.17 -19.07 -31.67
CA ARG A 462 18.66 -20.29 -31.06
C ARG A 462 17.55 -20.88 -30.21
N TYR A 463 17.70 -22.15 -29.85
CA TYR A 463 16.77 -22.85 -28.97
C TYR A 463 17.54 -23.25 -27.72
N VAL A 464 17.17 -22.67 -26.59
CA VAL A 464 17.90 -22.89 -25.34
C VAL A 464 16.96 -23.49 -24.31
N PRO A 465 16.66 -24.79 -24.38
CA PRO A 465 15.78 -25.40 -23.36
C PRO A 465 16.42 -25.49 -21.99
N ASP A 466 17.75 -25.47 -21.89
CA ASP A 466 18.42 -25.43 -20.60
C ASP A 466 18.27 -24.03 -20.03
N PHE A 467 17.37 -23.89 -19.04
CA PHE A 467 17.08 -22.57 -18.48
C PHE A 467 18.31 -21.94 -17.85
N SER A 468 19.24 -22.75 -17.36
CA SER A 468 20.44 -22.22 -16.71
C SER A 468 21.41 -21.62 -17.73
N ALA A 469 21.46 -22.19 -18.93
CA ALA A 469 22.42 -21.74 -19.95
C ALA A 469 21.98 -20.49 -20.68
N VAL A 470 20.79 -19.97 -20.39
CA VAL A 470 20.27 -18.83 -21.15
C VAL A 470 21.05 -17.56 -20.82
N ALA A 471 21.13 -17.22 -19.53
CA ALA A 471 21.73 -15.96 -19.10
C ALA A 471 23.12 -15.76 -19.70
N GLN A 472 23.92 -16.82 -19.74
CA GLN A 472 25.25 -16.70 -20.33
C GLN A 472 25.16 -16.45 -21.83
N GLN A 473 24.38 -17.29 -22.54
CA GLN A 473 24.37 -17.22 -23.99
C GLN A 473 23.84 -15.88 -24.50
N VAL A 474 22.93 -15.25 -23.76
CA VAL A 474 22.46 -13.93 -24.16
C VAL A 474 23.55 -12.89 -23.91
N ALA A 475 24.27 -13.01 -22.79
CA ALA A 475 25.32 -12.04 -22.50
C ALA A 475 26.49 -12.20 -23.46
N ALA A 476 26.85 -13.45 -23.79
CA ALA A 476 27.91 -13.68 -24.77
C ALA A 476 27.54 -13.14 -26.13
N ALA A 477 26.26 -13.26 -26.52
CA ALA A 477 25.77 -12.77 -27.79
C ALA A 477 25.43 -11.29 -27.77
N ALA A 478 25.59 -10.62 -26.63
CA ALA A 478 25.25 -9.21 -26.54
C ALA A 478 26.28 -8.36 -27.29
N SER A 479 25.95 -7.09 -27.47
CA SER A 479 26.84 -6.12 -28.08
C SER A 479 26.42 -4.75 -27.59
N PRO A 480 27.33 -3.76 -27.62
CA PRO A 480 27.02 -2.46 -27.03
C PRO A 480 25.84 -1.78 -27.71
N GLY A 481 24.91 -1.27 -26.91
CA GLY A 481 23.74 -0.59 -27.40
C GLY A 481 22.55 -1.48 -27.70
N ASP A 482 22.60 -2.75 -27.29
CA ASP A 482 21.52 -3.68 -27.59
C ASP A 482 20.40 -3.59 -26.56
N VAL A 483 19.19 -3.91 -27.00
CA VAL A 483 18.01 -3.89 -26.16
C VAL A 483 17.53 -5.32 -25.98
N ILE A 484 17.73 -5.87 -24.79
CA ILE A 484 17.37 -7.24 -24.47
C ILE A 484 16.00 -7.26 -23.80
N VAL A 485 15.15 -8.19 -24.23
CA VAL A 485 13.80 -8.33 -23.71
C VAL A 485 13.58 -9.78 -23.29
N THR A 486 13.15 -9.98 -22.06
CA THR A 486 12.67 -11.29 -21.61
C THR A 486 11.15 -11.28 -21.70
N MET A 487 10.60 -12.23 -22.46
CA MET A 487 9.20 -12.18 -22.86
C MET A 487 8.54 -13.52 -22.57
N GLY A 488 7.43 -13.49 -21.85
CA GLY A 488 6.74 -14.72 -21.48
C GLY A 488 6.00 -14.54 -20.18
N ALA A 489 5.12 -15.49 -19.90
CA ALA A 489 4.23 -15.42 -18.74
C ALA A 489 4.63 -16.44 -17.65
N GLY A 490 5.87 -16.91 -17.65
CA GLY A 490 6.30 -17.94 -16.73
C GLY A 490 7.65 -17.61 -16.12
N ASP A 491 8.48 -18.67 -15.97
CA ASP A 491 9.77 -18.55 -15.30
C ASP A 491 10.67 -17.47 -15.88
N VAL A 492 10.46 -17.07 -17.14
CA VAL A 492 11.41 -16.23 -17.85
C VAL A 492 11.71 -14.94 -17.11
N THR A 493 10.75 -14.45 -16.30
CA THR A 493 10.95 -13.21 -15.58
C THR A 493 12.16 -13.25 -14.64
N LEU A 494 12.66 -14.46 -14.33
CA LEU A 494 13.81 -14.59 -13.45
C LEU A 494 15.12 -14.36 -14.20
N LEU A 495 15.15 -14.60 -15.51
CA LEU A 495 16.38 -14.41 -16.28
C LEU A 495 16.77 -12.94 -16.44
N GLY A 496 15.87 -12.02 -16.10
CA GLY A 496 16.14 -10.60 -16.22
C GLY A 496 17.43 -10.19 -15.54
N PRO A 497 17.46 -10.30 -14.20
CA PRO A 497 18.71 -10.00 -13.48
C PRO A 497 19.87 -10.89 -13.89
N GLU A 498 19.59 -12.17 -14.19
CA GLU A 498 20.65 -13.10 -14.57
C GLU A 498 21.44 -12.59 -15.76
N ILE A 499 20.75 -12.25 -16.85
CA ILE A 499 21.40 -11.69 -18.03
C ILE A 499 22.25 -10.49 -17.65
N LEU A 500 21.81 -9.69 -16.67
CA LEU A 500 22.61 -8.56 -16.21
C LEU A 500 23.92 -9.03 -15.59
N THR A 501 23.84 -10.00 -14.67
CA THR A 501 25.05 -10.49 -14.02
C THR A 501 26.05 -11.02 -15.04
N ALA A 502 25.60 -11.93 -15.89
CA ALA A 502 26.46 -12.46 -16.94
C ALA A 502 26.98 -11.36 -17.87
N LEU A 503 26.27 -10.23 -17.94
CA LEU A 503 26.77 -9.09 -18.72
C LEU A 503 27.89 -8.37 -17.99
N ARG A 504 27.77 -8.23 -16.67
CA ARG A 504 28.82 -7.57 -15.90
C ARG A 504 30.04 -8.45 -15.75
N VAL A 505 29.87 -9.77 -15.75
CA VAL A 505 31.02 -10.68 -15.77
C VAL A 505 31.84 -10.47 -17.04
N ARG A 506 31.18 -10.18 -18.16
CA ARG A 506 31.89 -9.96 -19.42
C ARG A 506 32.71 -8.67 -19.42
N ALA A 507 32.42 -7.75 -18.49
CA ALA A 507 33.22 -6.52 -18.39
C ALA A 507 34.67 -6.84 -18.06
N ASN A 508 35.46 -7.17 -19.10
CA ASN A 508 36.86 -7.51 -18.92
C ASN A 508 37.75 -6.43 -19.53
N GLN B 30 8.03 -20.82 27.16
CA GLN B 30 8.53 -19.64 26.47
C GLN B 30 8.19 -18.36 27.25
N LEU B 31 7.20 -18.47 28.14
CA LEU B 31 6.82 -17.31 28.92
C LEU B 31 7.33 -17.45 30.35
N PRO B 32 7.74 -16.35 30.97
CA PRO B 32 8.13 -16.41 32.38
C PRO B 32 6.97 -16.85 33.24
N PRO B 33 7.25 -17.52 34.37
CA PRO B 33 6.16 -18.13 35.15
C PRO B 33 5.12 -17.12 35.64
N ASP B 34 5.48 -15.85 35.79
CA ASP B 34 4.51 -14.83 36.20
C ASP B 34 3.62 -14.37 35.05
N LEU B 35 3.96 -14.69 33.81
CA LEU B 35 3.18 -14.32 32.64
C LEU B 35 2.31 -15.46 32.13
N ARG B 36 2.15 -16.53 32.92
CA ARG B 36 1.41 -17.69 32.44
C ARG B 36 -0.09 -17.43 32.41
N ARG B 37 -0.64 -16.87 33.49
CA ARG B 37 -2.07 -16.57 33.60
C ARG B 37 -2.19 -15.09 33.98
N VAL B 38 -2.34 -14.24 32.96
CA VAL B 38 -2.30 -12.80 33.15
C VAL B 38 -3.73 -12.24 33.11
N HIS B 39 -4.05 -11.38 34.08
CA HIS B 39 -5.32 -10.66 34.10
C HIS B 39 -5.05 -9.18 33.90
N MET B 40 -5.76 -8.56 32.97
CA MET B 40 -5.48 -7.18 32.55
C MET B 40 -6.70 -6.31 32.76
N VAL B 41 -6.55 -5.31 33.61
CA VAL B 41 -7.63 -4.35 33.89
C VAL B 41 -7.57 -3.25 32.84
N GLY B 42 -8.63 -3.12 32.05
CA GLY B 42 -8.64 -2.19 30.94
C GLY B 42 -8.08 -2.83 29.69
N ILE B 43 -8.45 -4.09 29.47
CA ILE B 43 -7.90 -4.88 28.38
C ILE B 43 -8.38 -4.39 27.01
N GLY B 44 -9.37 -3.50 26.97
CA GLY B 44 -9.88 -3.02 25.70
C GLY B 44 -9.02 -1.99 25.01
N GLY B 45 -8.18 -1.28 25.76
CA GLY B 45 -7.28 -0.32 25.15
C GLY B 45 -6.33 -0.99 24.18
N ALA B 46 -5.87 -0.21 23.19
CA ALA B 46 -5.12 -0.78 22.08
C ALA B 46 -3.80 -1.39 22.53
N GLY B 47 -3.10 -0.73 23.46
CA GLY B 47 -1.84 -1.26 23.95
C GLY B 47 -2.01 -2.56 24.72
N MET B 48 -2.94 -2.57 25.67
CA MET B 48 -3.25 -3.81 26.39
C MET B 48 -3.78 -4.88 25.44
N SER B 49 -4.55 -4.47 24.43
CA SER B 49 -5.02 -5.41 23.42
C SER B 49 -3.86 -6.11 22.72
N GLY B 50 -2.87 -5.33 22.27
CA GLY B 50 -1.73 -5.92 21.60
C GLY B 50 -0.89 -6.81 22.51
N ILE B 51 -0.72 -6.38 23.76
CA ILE B 51 0.01 -7.19 24.73
C ILE B 51 -0.68 -8.53 24.93
N ALA B 52 -2.00 -8.51 25.12
CA ALA B 52 -2.75 -9.76 25.30
C ALA B 52 -2.71 -10.61 24.05
N ARG B 53 -2.70 -9.99 22.87
CA ARG B 53 -2.57 -10.72 21.62
C ARG B 53 -1.24 -11.49 21.57
N ILE B 54 -0.14 -10.81 21.93
CA ILE B 54 1.16 -11.48 21.94
C ILE B 54 1.19 -12.58 23.00
N LEU B 55 0.57 -12.33 24.15
CA LEU B 55 0.56 -13.36 25.21
C LEU B 55 -0.20 -14.60 24.77
N LEU B 56 -1.34 -14.41 24.10
CA LEU B 56 -2.14 -15.56 23.66
C LEU B 56 -1.48 -16.31 22.53
N ASP B 57 -0.82 -15.60 21.61
CA ASP B 57 -0.12 -16.28 20.53
C ASP B 57 1.03 -17.14 21.03
N ARG B 58 1.50 -16.92 22.27
CA ARG B 58 2.62 -17.67 22.81
C ARG B 58 2.19 -18.63 23.94
N GLY B 59 0.92 -19.02 23.95
CA GLY B 59 0.47 -20.08 24.82
C GLY B 59 0.12 -19.68 26.23
N GLY B 60 -0.14 -18.40 26.48
CA GLY B 60 -0.48 -17.92 27.80
C GLY B 60 -1.98 -17.71 27.96
N LEU B 61 -2.48 -18.02 29.15
CA LEU B 61 -3.87 -17.75 29.49
C LEU B 61 -4.05 -16.28 29.84
N VAL B 62 -5.13 -15.68 29.33
CA VAL B 62 -5.38 -14.25 29.51
C VAL B 62 -6.84 -14.03 29.86
N SER B 63 -7.07 -13.35 30.98
CA SER B 63 -8.38 -12.80 31.32
C SER B 63 -8.27 -11.28 31.37
N GLY B 64 -9.40 -10.63 31.61
CA GLY B 64 -9.41 -9.18 31.64
C GLY B 64 -10.81 -8.66 31.88
N SER B 65 -10.89 -7.34 32.04
CA SER B 65 -12.16 -6.68 32.21
C SER B 65 -12.06 -5.27 31.66
N ASP B 66 -13.17 -4.76 31.16
CA ASP B 66 -13.23 -3.40 30.65
C ASP B 66 -14.54 -2.74 31.03
N ALA B 67 -14.47 -1.42 31.28
CA ALA B 67 -15.67 -0.65 31.58
C ALA B 67 -16.51 -0.43 30.34
N LYS B 68 -15.87 -0.18 29.19
CA LYS B 68 -16.56 0.02 27.93
C LYS B 68 -16.53 -1.28 27.12
N GLU B 69 -17.11 -1.20 25.92
CA GLU B 69 -17.26 -2.36 25.03
C GLU B 69 -16.62 -1.99 23.69
N SER B 70 -15.30 -2.16 23.60
CA SER B 70 -14.61 -1.94 22.34
C SER B 70 -14.82 -3.15 21.41
N ARG B 71 -14.49 -2.96 20.14
CA ARG B 71 -14.46 -4.08 19.22
C ARG B 71 -13.17 -4.89 19.39
N GLY B 72 -12.09 -4.23 19.79
CA GLY B 72 -10.90 -4.97 20.18
C GLY B 72 -11.17 -5.96 21.29
N VAL B 73 -12.15 -5.66 22.15
CA VAL B 73 -12.56 -6.60 23.19
C VAL B 73 -13.11 -7.87 22.57
N HIS B 74 -13.96 -7.74 21.55
CA HIS B 74 -14.48 -8.92 20.87
C HIS B 74 -13.38 -9.67 20.15
N ALA B 75 -12.41 -8.94 19.58
CA ALA B 75 -11.27 -9.59 18.93
C ALA B 75 -10.49 -10.44 19.94
N LEU B 76 -10.19 -9.86 21.10
CA LEU B 76 -9.46 -10.60 22.13
C LEU B 76 -10.27 -11.78 22.64
N ARG B 77 -11.58 -11.61 22.79
CA ARG B 77 -12.44 -12.74 23.11
C ARG B 77 -12.31 -13.85 22.08
N ALA B 78 -12.25 -13.47 20.80
CA ALA B 78 -12.13 -14.46 19.73
C ALA B 78 -10.79 -15.20 19.80
N ARG B 79 -9.71 -14.49 20.16
CA ARG B 79 -8.41 -15.15 20.25
C ARG B 79 -8.33 -16.11 21.43
N GLY B 80 -9.15 -15.92 22.46
CA GLY B 80 -9.15 -16.83 23.58
C GLY B 80 -8.93 -16.15 24.92
N ALA B 81 -9.40 -14.92 25.06
CA ALA B 81 -9.26 -14.14 26.28
C ALA B 81 -10.59 -14.09 27.01
N LEU B 82 -10.58 -14.41 28.31
CA LEU B 82 -11.80 -14.34 29.13
C LEU B 82 -11.97 -12.91 29.59
N ILE B 83 -12.87 -12.17 28.93
CA ILE B 83 -13.07 -10.76 29.21
C ILE B 83 -14.45 -10.56 29.85
N ARG B 84 -14.49 -9.80 30.93
CA ARG B 84 -15.72 -9.39 31.58
C ARG B 84 -15.89 -7.88 31.43
N ILE B 85 -17.15 -7.43 31.38
CA ILE B 85 -17.47 -6.02 31.30
C ILE B 85 -17.81 -5.53 32.70
N GLY B 86 -17.33 -4.34 33.04
CA GLY B 86 -17.39 -3.87 34.41
C GLY B 86 -16.28 -4.49 35.26
N HIS B 87 -16.06 -3.86 36.41
CA HIS B 87 -14.99 -4.26 37.31
C HIS B 87 -15.59 -4.93 38.54
N ASP B 88 -15.03 -6.08 38.91
CA ASP B 88 -15.46 -6.81 40.10
C ASP B 88 -14.33 -7.74 40.51
N ALA B 89 -14.18 -7.92 41.83
CA ALA B 89 -13.13 -8.79 42.35
C ALA B 89 -13.27 -10.22 41.87
N SER B 90 -14.41 -10.60 41.31
CA SER B 90 -14.59 -11.96 40.78
C SER B 90 -13.81 -12.17 39.49
N SER B 91 -13.38 -11.10 38.82
CA SER B 91 -12.66 -11.25 37.56
C SER B 91 -11.32 -11.97 37.76
N LEU B 92 -10.70 -11.82 38.93
CA LEU B 92 -9.46 -12.54 39.20
C LEU B 92 -9.68 -14.04 39.30
N ASP B 93 -10.93 -14.48 39.46
CA ASP B 93 -11.26 -15.90 39.52
C ASP B 93 -11.64 -16.47 38.16
N LEU B 94 -11.46 -15.71 37.09
CA LEU B 94 -11.81 -16.21 35.76
C LEU B 94 -10.87 -17.33 35.32
N LEU B 95 -9.57 -17.10 35.44
CA LEU B 95 -8.60 -18.08 34.97
C LEU B 95 -8.52 -19.25 35.95
N PRO B 96 -8.35 -20.48 35.44
CA PRO B 96 -8.17 -21.63 36.34
C PRO B 96 -6.81 -21.59 37.01
N GLY B 97 -6.81 -21.57 38.33
CA GLY B 97 -5.59 -21.41 39.09
C GLY B 97 -5.24 -19.99 39.46
N GLY B 98 -6.17 -19.04 39.27
CA GLY B 98 -5.92 -17.66 39.60
C GLY B 98 -4.98 -16.96 38.64
N ALA B 99 -4.85 -15.65 38.78
CA ALA B 99 -3.97 -14.86 37.92
C ALA B 99 -2.59 -14.77 38.55
N THR B 100 -1.57 -15.13 37.79
CA THR B 100 -0.20 -15.01 38.26
C THR B 100 0.31 -13.57 38.25
N ALA B 101 -0.32 -12.71 37.45
CA ALA B 101 0.07 -11.30 37.40
C ALA B 101 -1.13 -10.51 36.89
N VAL B 102 -1.26 -9.29 37.40
CA VAL B 102 -2.29 -8.36 36.98
C VAL B 102 -1.61 -7.18 36.32
N VAL B 103 -1.89 -6.97 35.05
CA VAL B 103 -1.46 -5.77 34.33
C VAL B 103 -2.57 -4.74 34.42
N THR B 104 -2.20 -3.48 34.57
CA THR B 104 -3.17 -2.40 34.69
C THR B 104 -2.83 -1.27 33.74
N THR B 105 -3.87 -0.55 33.32
CA THR B 105 -3.68 0.63 32.49
C THR B 105 -3.28 1.82 33.34
N HIS B 106 -2.70 2.83 32.68
CA HIS B 106 -2.23 4.02 33.40
C HIS B 106 -3.40 4.83 33.95
N ALA B 107 -4.54 4.84 33.26
CA ALA B 107 -5.67 5.63 33.74
C ALA B 107 -6.33 4.99 34.96
N ALA B 108 -6.46 3.67 34.95
CA ALA B 108 -7.07 2.97 36.07
C ALA B 108 -6.43 3.37 37.39
N ILE B 109 -7.24 3.93 38.28
CA ILE B 109 -6.71 4.55 39.49
C ILE B 109 -6.36 3.47 40.51
N PRO B 110 -5.16 3.52 41.09
CA PRO B 110 -4.65 2.38 41.89
C PRO B 110 -5.41 2.11 43.18
N LYS B 111 -5.60 3.15 44.01
CA LYS B 111 -6.16 2.99 45.34
C LYS B 111 -7.68 2.88 45.36
N THR B 112 -8.33 2.69 44.19
CA THR B 112 -9.78 2.58 44.17
C THR B 112 -10.32 1.47 43.26
N ASN B 113 -9.56 0.98 42.28
CA ASN B 113 -10.09 -0.01 41.37
C ASN B 113 -10.36 -1.31 42.11
N PRO B 114 -11.53 -1.94 41.94
CA PRO B 114 -11.83 -3.15 42.71
C PRO B 114 -10.85 -4.29 42.46
N GLU B 115 -10.49 -4.51 41.20
CA GLU B 115 -9.65 -5.66 40.87
C GLU B 115 -8.20 -5.44 41.27
N LEU B 116 -7.71 -4.19 41.17
CA LEU B 116 -6.36 -3.90 41.65
C LEU B 116 -6.27 -4.06 43.16
N VAL B 117 -7.27 -3.58 43.89
CA VAL B 117 -7.29 -3.76 45.35
C VAL B 117 -7.34 -5.23 45.70
N GLU B 118 -8.14 -6.00 44.97
CA GLU B 118 -8.21 -7.44 45.23
C GLU B 118 -6.87 -8.11 44.94
N ALA B 119 -6.20 -7.70 43.87
CA ALA B 119 -4.91 -8.28 43.51
C ALA B 119 -3.86 -7.98 44.57
N ARG B 120 -3.81 -6.74 45.05
CA ARG B 120 -2.90 -6.41 46.13
C ARG B 120 -3.27 -7.14 47.41
N ARG B 121 -4.56 -7.46 47.59
CA ARG B 121 -4.97 -8.23 48.75
C ARG B 121 -4.48 -9.67 48.65
N ARG B 122 -4.50 -10.25 47.46
CA ARG B 122 -4.08 -11.63 47.24
C ARG B 122 -2.58 -11.78 47.04
N GLY B 123 -1.83 -10.68 47.01
CA GLY B 123 -0.41 -10.76 46.73
C GLY B 123 -0.04 -10.90 45.27
N ILE B 124 -1.00 -10.75 44.37
CA ILE B 124 -0.73 -10.88 42.94
C ILE B 124 0.01 -9.64 42.45
N PRO B 125 1.14 -9.79 41.77
CA PRO B 125 1.92 -8.61 41.33
C PRO B 125 1.16 -7.77 40.33
N VAL B 126 1.10 -6.47 40.58
CA VAL B 126 0.41 -5.50 39.73
C VAL B 126 1.47 -4.73 38.95
N VAL B 127 1.50 -4.93 37.64
CA VAL B 127 2.51 -4.34 36.78
C VAL B 127 1.82 -3.53 35.68
N LEU B 128 2.65 -2.82 34.92
CA LEU B 128 2.24 -2.00 33.79
C LEU B 128 2.63 -2.68 32.49
N ARG B 129 2.21 -2.06 31.38
CA ARG B 129 2.51 -2.62 30.06
C ARG B 129 3.99 -2.73 29.75
N PRO B 130 4.84 -1.72 30.02
CA PRO B 130 6.25 -1.84 29.60
C PRO B 130 6.99 -3.01 30.21
N ALA B 131 6.65 -3.41 31.44
CA ALA B 131 7.29 -4.58 32.04
C ALA B 131 7.00 -5.84 31.23
N VAL B 132 5.73 -6.04 30.88
CA VAL B 132 5.34 -7.20 30.09
C VAL B 132 5.98 -7.14 28.71
N LEU B 133 5.99 -5.96 28.09
CA LEU B 133 6.61 -5.82 26.78
C LEU B 133 8.10 -6.17 26.84
N ALA B 134 8.79 -5.71 27.87
CA ALA B 134 10.21 -6.02 28.02
C ALA B 134 10.43 -7.52 28.20
N LYS B 135 9.55 -8.18 28.95
CA LYS B 135 9.66 -9.63 29.08
C LYS B 135 9.38 -10.34 27.77
N LEU B 136 8.53 -9.77 26.91
CA LEU B 136 8.18 -10.43 25.66
C LEU B 136 9.24 -10.24 24.59
N MET B 137 10.02 -9.15 24.65
CA MET B 137 11.10 -8.95 23.69
C MET B 137 12.37 -9.70 24.06
N ALA B 138 12.34 -10.54 25.09
CA ALA B 138 13.54 -11.07 25.71
C ALA B 138 14.46 -11.81 24.74
N GLY B 139 14.02 -12.97 24.26
CA GLY B 139 14.91 -13.77 23.42
C GLY B 139 15.26 -13.15 22.08
N ARG B 140 14.56 -12.09 21.67
CA ARG B 140 14.69 -11.59 20.32
C ARG B 140 15.75 -10.48 20.23
N THR B 141 16.06 -10.10 18.99
CA THR B 141 16.87 -8.93 18.69
C THR B 141 15.94 -7.73 18.62
N THR B 142 16.08 -6.81 19.58
CA THR B 142 15.11 -5.75 19.77
C THR B 142 15.59 -4.45 19.14
N LEU B 143 14.67 -3.79 18.44
CA LEU B 143 14.91 -2.49 17.82
C LEU B 143 13.88 -1.53 18.41
N MET B 144 14.33 -0.67 19.32
CA MET B 144 13.47 0.33 19.95
C MET B 144 13.48 1.61 19.13
N VAL B 145 12.35 2.29 19.09
CA VAL B 145 12.20 3.60 18.44
C VAL B 145 11.58 4.55 19.46
N THR B 146 12.26 5.66 19.72
CA THR B 146 11.78 6.64 20.68
C THR B 146 12.04 8.04 20.15
N GLY B 147 11.62 9.04 20.92
CA GLY B 147 11.74 10.42 20.49
C GLY B 147 10.50 11.22 20.84
N THR B 148 10.59 12.56 20.74
CA THR B 148 9.47 13.40 21.15
C THR B 148 8.27 13.20 20.24
N HIS B 149 8.50 13.07 18.93
CA HIS B 149 7.41 12.86 17.98
C HIS B 149 7.95 12.14 16.76
N GLY B 150 7.03 11.52 16.02
CA GLY B 150 7.38 10.68 14.90
C GLY B 150 7.75 9.26 15.26
N LYS B 151 7.40 8.79 16.47
CA LYS B 151 7.74 7.43 16.87
C LYS B 151 6.90 6.41 16.10
N THR B 152 5.57 6.62 16.08
CA THR B 152 4.69 5.64 15.45
C THR B 152 5.01 5.48 13.97
N THR B 153 5.25 6.59 13.27
CA THR B 153 5.53 6.52 11.83
C THR B 153 6.84 5.79 11.56
N THR B 154 7.90 6.13 12.29
CA THR B 154 9.19 5.48 12.07
C THR B 154 9.13 4.00 12.42
N THR B 155 8.52 3.65 13.56
CA THR B 155 8.37 2.25 13.93
C THR B 155 7.58 1.48 12.88
N SER B 156 6.50 2.08 12.36
CA SER B 156 5.68 1.39 11.37
C SER B 156 6.45 1.19 10.06
N MET B 157 7.16 2.23 9.60
CA MET B 157 8.00 2.08 8.43
C MET B 157 9.02 0.96 8.63
N LEU B 158 9.64 0.91 9.82
CA LEU B 158 10.61 -0.13 10.11
C LEU B 158 9.97 -1.52 10.04
N ILE B 159 8.76 -1.65 10.58
CA ILE B 159 8.06 -2.94 10.58
C ILE B 159 7.76 -3.37 9.15
N VAL B 160 7.24 -2.46 8.34
CA VAL B 160 6.90 -2.79 6.95
C VAL B 160 8.14 -3.17 6.16
N ALA B 161 9.23 -2.42 6.36
CA ALA B 161 10.47 -2.73 5.65
C ALA B 161 11.03 -4.09 6.07
N LEU B 162 10.98 -4.40 7.36
CA LEU B 162 11.46 -5.72 7.80
C LEU B 162 10.57 -6.85 7.29
N GLN B 163 9.26 -6.59 7.17
CA GLN B 163 8.36 -7.63 6.67
C GLN B 163 8.53 -7.85 5.17
N HIS B 164 8.86 -6.80 4.42
CA HIS B 164 9.06 -6.96 2.98
C HIS B 164 10.22 -7.90 2.67
N CYS B 165 11.18 -8.01 3.58
CA CYS B 165 12.35 -8.86 3.38
C CYS B 165 12.13 -10.30 3.82
N GLY B 166 10.95 -10.62 4.36
CA GLY B 166 10.67 -11.97 4.79
C GLY B 166 11.13 -12.31 6.19
N LEU B 167 11.29 -11.32 7.07
CA LEU B 167 11.81 -11.58 8.41
C LEU B 167 10.70 -11.80 9.44
N ASP B 168 9.45 -11.43 9.14
CA ASP B 168 8.29 -11.57 10.00
C ASP B 168 8.61 -11.29 11.47
N PRO B 169 8.87 -10.03 11.83
CA PRO B 169 9.22 -9.72 13.22
C PRO B 169 8.00 -9.54 14.11
N SER B 170 8.18 -9.89 15.38
CA SER B 170 7.23 -9.47 16.40
C SER B 170 7.37 -7.97 16.61
N PHE B 171 6.27 -7.33 17.00
CA PHE B 171 6.34 -5.89 17.18
C PHE B 171 5.26 -5.42 18.15
N ALA B 172 5.45 -4.19 18.62
CA ALA B 172 4.48 -3.45 19.42
C ALA B 172 4.67 -1.98 19.10
N VAL B 173 3.95 -1.51 18.08
CA VAL B 173 3.96 -0.11 17.66
C VAL B 173 2.75 0.58 18.25
N GLY B 174 2.85 1.90 18.42
CA GLY B 174 1.73 2.68 18.90
C GLY B 174 1.98 3.38 20.21
N GLY B 175 1.20 4.42 20.49
CA GLY B 175 1.30 5.15 21.73
C GLY B 175 1.31 6.66 21.57
N GLU B 176 2.17 7.15 20.68
CA GLU B 176 2.33 8.59 20.52
C GLU B 176 1.08 9.24 19.96
N LEU B 177 0.41 8.58 19.02
CA LEU B 177 -0.82 9.10 18.43
C LEU B 177 -2.07 8.63 19.18
N GLY B 178 -1.94 8.30 20.46
CA GLY B 178 -3.03 7.71 21.20
C GLY B 178 -3.22 6.26 20.80
N GLU B 179 -4.42 5.91 20.34
CA GLU B 179 -4.66 4.58 19.80
C GLU B 179 -4.54 4.55 18.29
N ALA B 180 -4.20 5.67 17.66
CA ALA B 180 -3.99 5.71 16.22
C ALA B 180 -2.71 4.97 15.87
N GLY B 181 -2.82 4.00 14.94
CA GLY B 181 -1.68 3.24 14.51
C GLY B 181 -1.13 2.25 15.52
N THR B 182 -1.76 2.13 16.69
CA THR B 182 -1.32 1.16 17.67
C THR B 182 -1.62 -0.26 17.16
N ASN B 183 -0.63 -1.14 17.32
CA ASN B 183 -0.74 -2.51 16.85
C ASN B 183 0.39 -3.31 17.50
N ALA B 184 0.20 -4.62 17.57
CA ALA B 184 1.22 -5.50 18.10
C ALA B 184 0.98 -6.89 17.53
N HIS B 185 2.06 -7.66 17.40
CA HIS B 185 1.97 -8.94 16.72
C HIS B 185 3.11 -9.83 17.19
N HIS B 186 2.81 -11.12 17.37
CA HIS B 186 3.83 -12.13 17.59
C HIS B 186 4.18 -12.75 16.25
N GLY B 187 5.39 -12.47 15.76
CA GLY B 187 5.86 -13.01 14.51
C GLY B 187 6.74 -14.23 14.70
N SER B 188 7.13 -14.81 13.57
CA SER B 188 7.98 -16.01 13.57
C SER B 188 9.46 -15.69 13.52
N GLY B 189 9.85 -14.44 13.25
CA GLY B 189 11.24 -14.07 13.14
C GLY B 189 11.91 -13.83 14.47
N ASP B 190 13.21 -13.57 14.41
CA ASP B 190 14.01 -13.32 15.60
C ASP B 190 14.06 -11.86 16.00
N CYS B 191 13.38 -10.97 15.27
CA CYS B 191 13.42 -9.54 15.55
C CYS B 191 12.17 -9.10 16.28
N PHE B 192 12.32 -8.01 17.04
CA PHE B 192 11.21 -7.42 17.78
C PHE B 192 11.38 -5.91 17.71
N VAL B 193 10.56 -5.26 16.89
CA VAL B 193 10.54 -3.80 16.81
C VAL B 193 9.54 -3.29 17.81
N ALA B 194 9.88 -2.20 18.51
CA ALA B 194 8.98 -1.66 19.50
C ALA B 194 9.11 -0.14 19.53
N GLU B 195 7.98 0.52 19.69
CA GLU B 195 7.93 1.95 19.96
C GLU B 195 7.95 2.15 21.48
N ALA B 196 8.91 2.94 21.95
CA ALA B 196 9.13 3.15 23.38
C ALA B 196 8.74 4.56 23.77
N ASP B 197 7.91 4.69 24.80
CA ASP B 197 7.51 6.00 25.30
C ASP B 197 8.62 6.62 26.13
N GLU B 198 8.86 7.92 25.91
CA GLU B 198 9.85 8.66 26.67
C GLU B 198 9.25 9.65 27.66
N SER B 199 7.94 9.87 27.60
CA SER B 199 7.26 10.80 28.50
C SER B 199 6.83 10.13 29.81
N ASP B 200 7.30 8.92 30.08
CA ASP B 200 6.98 8.28 31.35
C ASP B 200 8.06 7.33 31.83
N GLY B 201 9.27 7.37 31.27
CA GLY B 201 10.36 6.58 31.79
C GLY B 201 10.26 5.09 31.54
N SER B 202 9.58 4.68 30.47
CA SER B 202 9.54 3.26 30.12
C SER B 202 10.87 2.80 29.53
N LEU B 203 11.71 3.73 29.05
CA LEU B 203 12.95 3.36 28.38
C LEU B 203 13.86 2.51 29.29
N LEU B 204 13.80 2.73 30.60
CA LEU B 204 14.64 1.97 31.52
C LEU B 204 14.29 0.48 31.50
N GLN B 205 13.04 0.14 31.19
CA GLN B 205 12.62 -1.26 31.20
C GLN B 205 13.26 -2.04 30.06
N TYR B 206 13.51 -1.40 28.92
CA TYR B 206 13.91 -2.10 27.71
C TYR B 206 15.43 -2.24 27.62
N THR B 207 15.86 -3.16 26.76
CA THR B 207 17.28 -3.45 26.54
C THR B 207 17.52 -3.53 25.04
N PRO B 208 17.64 -2.38 24.37
CA PRO B 208 17.65 -2.38 22.90
C PRO B 208 18.94 -2.94 22.31
N HIS B 209 18.79 -3.76 21.28
CA HIS B 209 19.92 -4.08 20.42
C HIS B 209 20.21 -2.92 19.47
N VAL B 210 19.19 -2.41 18.80
CA VAL B 210 19.27 -1.18 18.03
C VAL B 210 18.32 -0.17 18.66
N ALA B 211 18.77 1.07 18.77
CA ALA B 211 17.96 2.14 19.35
C ALA B 211 17.89 3.30 18.38
N VAL B 212 16.68 3.74 18.06
CA VAL B 212 16.44 4.81 17.10
C VAL B 212 15.87 6.00 17.85
N ILE B 213 16.39 7.19 17.55
CA ILE B 213 15.95 8.43 18.18
C ILE B 213 15.60 9.41 17.07
N THR B 214 14.29 9.61 16.87
CA THR B 214 13.81 10.50 15.82
C THR B 214 14.11 11.95 16.13
N ASN B 215 13.92 12.37 17.38
CA ASN B 215 14.23 13.73 17.81
C ASN B 215 14.15 13.81 19.33
N ILE B 216 14.66 14.91 19.86
CA ILE B 216 14.57 15.24 21.28
C ILE B 216 14.24 16.73 21.37
N GLU B 217 13.08 17.04 21.95
CA GLU B 217 12.62 18.42 22.05
C GLU B 217 12.16 18.72 23.47
N SER B 218 12.11 20.01 23.79
CA SER B 218 11.72 20.48 25.11
C SER B 218 10.26 20.18 25.41
N ASP B 219 9.96 18.97 25.83
CA ASP B 219 8.59 18.57 26.17
C ASP B 219 8.57 17.44 27.20
N ALA B 232 18.26 14.02 29.16
CA ALA B 232 18.59 13.47 30.47
C ALA B 232 18.30 11.98 30.54
N VAL B 233 17.03 11.62 30.28
CA VAL B 233 16.62 10.21 30.34
C VAL B 233 17.16 9.44 29.14
N PHE B 234 17.42 10.13 28.02
CA PHE B 234 17.99 9.45 26.85
C PHE B 234 19.47 9.12 27.06
N ASP B 235 20.18 9.95 27.83
CA ASP B 235 21.57 9.64 28.18
C ASP B 235 21.66 8.42 29.08
N SER B 236 20.65 8.20 29.92
CA SER B 236 20.56 6.95 30.67
C SER B 236 20.09 5.80 29.79
N PHE B 237 19.28 6.09 28.76
CA PHE B 237 18.86 5.06 27.83
C PHE B 237 20.04 4.52 27.02
N VAL B 238 21.02 5.38 26.73
CA VAL B 238 22.21 4.94 26.01
C VAL B 238 22.96 3.86 26.78
N GLU B 239 22.77 3.81 28.11
CA GLU B 239 23.39 2.74 28.90
C GLU B 239 22.71 1.40 28.66
N ARG B 240 21.40 1.41 28.36
CA ARG B 240 20.66 0.16 28.20
C ARG B 240 20.98 -0.55 26.89
N ILE B 241 21.60 0.14 25.93
CA ILE B 241 21.98 -0.49 24.68
C ILE B 241 22.96 -1.62 24.97
N VAL B 242 22.71 -2.79 24.38
CA VAL B 242 23.56 -3.95 24.58
C VAL B 242 24.95 -3.65 23.99
N PRO B 243 26.01 -4.22 24.55
CA PRO B 243 27.34 -4.03 23.95
C PRO B 243 27.36 -4.51 22.50
N GLY B 244 27.95 -3.70 21.63
CA GLY B 244 27.96 -3.98 20.21
C GLY B 244 26.76 -3.46 19.45
N GLY B 245 25.74 -2.94 20.15
CA GLY B 245 24.57 -2.40 19.51
C GLY B 245 24.82 -1.03 18.89
N ALA B 246 23.80 -0.53 18.20
CA ALA B 246 23.88 0.72 17.46
C ALA B 246 22.76 1.66 17.88
N LEU B 247 23.04 2.96 17.77
CA LEU B 247 22.07 4.02 17.98
C LEU B 247 21.92 4.78 16.67
N VAL B 248 20.82 4.54 15.98
CA VAL B 248 20.43 5.39 14.86
C VAL B 248 19.78 6.64 15.42
N VAL B 249 20.22 7.81 14.95
CA VAL B 249 19.78 9.06 15.56
C VAL B 249 19.73 10.15 14.51
N CYS B 250 18.69 10.98 14.58
CA CYS B 250 18.60 12.14 13.70
C CYS B 250 19.40 13.30 14.28
N THR B 251 20.36 13.81 13.50
CA THR B 251 21.21 14.92 13.93
C THR B 251 20.72 16.28 13.49
N ASP B 252 19.69 16.34 12.63
CA ASP B 252 19.09 17.63 12.32
C ASP B 252 18.48 18.26 13.57
N ASP B 253 17.93 17.43 14.44
CA ASP B 253 17.44 17.89 15.73
C ASP B 253 18.63 18.25 16.62
N PRO B 254 18.67 19.43 17.23
CA PRO B 254 19.83 19.80 18.07
C PRO B 254 20.08 18.83 19.21
N GLY B 255 19.03 18.46 19.97
CA GLY B 255 19.18 17.44 20.99
C GLY B 255 19.68 16.13 20.42
N GLY B 256 19.27 15.80 19.19
CA GLY B 256 19.76 14.59 18.55
C GLY B 256 21.25 14.63 18.30
N ALA B 257 21.74 15.77 17.79
CA ALA B 257 23.17 15.90 17.53
C ALA B 257 23.97 15.90 18.84
N ALA B 258 23.43 16.52 19.88
CA ALA B 258 24.10 16.48 21.18
C ALA B 258 24.22 15.06 21.69
N LEU B 259 23.12 14.30 21.63
CA LEU B 259 23.16 12.90 22.07
C LEU B 259 24.10 12.09 21.21
N ALA B 260 24.15 12.38 19.91
CA ALA B 260 25.06 11.66 19.01
C ALA B 260 26.50 11.88 19.42
N GLN B 261 26.86 13.15 19.71
CA GLN B 261 28.22 13.43 20.18
C GLN B 261 28.51 12.73 21.50
N ARG B 262 27.56 12.76 22.43
CA ARG B 262 27.77 12.10 23.72
C ARG B 262 28.03 10.61 23.53
N ALA B 263 27.17 9.94 22.77
CA ALA B 263 27.32 8.50 22.55
C ALA B 263 28.53 8.15 21.72
N THR B 264 29.02 9.08 20.89
CA THR B 264 30.25 8.84 20.15
C THR B 264 31.47 8.92 21.07
N GLU B 265 31.44 9.84 22.03
CA GLU B 265 32.51 9.87 23.03
C GLU B 265 32.52 8.61 23.87
N LEU B 266 31.34 8.08 24.21
CA LEU B 266 31.24 6.86 25.00
C LEU B 266 31.62 5.61 24.21
N GLY B 267 31.83 5.73 22.90
CA GLY B 267 32.19 4.57 22.11
C GLY B 267 31.08 4.09 21.21
N ILE B 268 29.91 3.82 21.79
CA ILE B 268 28.75 3.23 21.13
C ILE B 268 28.61 3.65 19.67
N ARG B 269 28.36 2.67 18.79
CA ARG B 269 28.18 2.95 17.38
C ARG B 269 26.98 3.87 17.17
N VAL B 270 27.22 5.00 16.52
CA VAL B 270 26.18 6.01 16.28
C VAL B 270 26.02 6.18 14.78
N LEU B 271 24.84 5.84 14.27
CA LEU B 271 24.50 6.02 12.86
C LEU B 271 23.65 7.29 12.75
N ARG B 272 24.28 8.35 12.28
CA ARG B 272 23.64 9.67 12.18
C ARG B 272 22.93 9.81 10.86
N TYR B 273 21.71 10.38 10.90
CA TYR B 273 21.00 10.65 9.67
C TYR B 273 20.38 12.04 9.72
N GLY B 274 20.12 12.58 8.54
CA GLY B 274 19.54 13.91 8.43
C GLY B 274 19.77 14.49 7.05
N SER B 275 19.37 15.74 6.91
CA SER B 275 19.56 16.48 5.66
C SER B 275 20.74 17.44 5.71
N VAL B 276 21.22 17.78 6.90
CA VAL B 276 22.37 18.66 7.07
C VAL B 276 23.62 17.80 7.16
N PRO B 277 24.67 18.09 6.40
CA PRO B 277 25.92 17.33 6.52
C PRO B 277 26.49 17.42 7.93
N GLY B 278 27.04 16.31 8.40
CA GLY B 278 27.61 16.24 9.74
C GLY B 278 28.94 15.53 9.76
N GLU B 279 29.47 15.29 10.97
CA GLU B 279 30.82 14.75 11.10
C GLU B 279 30.92 13.36 10.49
N THR B 280 29.94 12.49 10.76
CA THR B 280 29.98 11.13 10.23
C THR B 280 28.54 10.71 9.92
N MET B 281 28.06 11.13 8.75
CA MET B 281 26.71 10.81 8.30
C MET B 281 26.66 9.38 7.80
N ALA B 282 25.83 8.55 8.43
CA ALA B 282 25.56 7.23 7.88
C ALA B 282 24.58 7.29 6.72
N ALA B 283 23.66 8.25 6.74
CA ALA B 283 22.69 8.45 5.68
C ALA B 283 22.31 9.91 5.64
N THR B 284 22.29 10.49 4.43
CA THR B 284 22.02 11.92 4.26
C THR B 284 20.91 12.12 3.24
N LEU B 285 19.93 12.93 3.60
CA LEU B 285 18.86 13.33 2.67
C LEU B 285 19.39 14.46 1.80
N VAL B 286 19.90 14.12 0.62
CA VAL B 286 20.52 15.12 -0.24
C VAL B 286 19.48 16.03 -0.85
N SER B 287 18.47 15.44 -1.52
CA SER B 287 17.44 16.24 -2.15
C SER B 287 16.09 15.59 -1.91
N TRP B 288 15.03 16.39 -2.00
CA TRP B 288 13.68 15.87 -1.82
C TRP B 288 12.70 16.71 -2.62
N GLN B 289 11.77 16.03 -3.30
CA GLN B 289 10.70 16.72 -4.00
C GLN B 289 9.42 15.90 -3.90
N GLN B 290 8.30 16.59 -4.06
CA GLN B 290 6.97 16.00 -3.98
C GLN B 290 6.39 15.95 -5.39
N GLN B 291 6.39 14.75 -5.97
CA GLN B 291 5.62 14.54 -7.18
C GLN B 291 4.15 14.29 -6.80
N GLY B 292 3.27 14.34 -7.80
CA GLY B 292 1.87 14.09 -7.56
C GLY B 292 1.60 12.80 -6.82
N VAL B 293 0.75 12.86 -5.79
CA VAL B 293 0.28 11.73 -4.98
C VAL B 293 1.41 10.85 -4.45
N GLY B 294 2.64 11.36 -4.48
CA GLY B 294 3.78 10.64 -3.95
C GLY B 294 4.90 11.55 -3.51
N ALA B 295 6.08 10.98 -3.32
CA ALA B 295 7.25 11.79 -3.02
C ALA B 295 8.50 11.01 -3.39
N VAL B 296 9.54 11.74 -3.81
CA VAL B 296 10.79 11.12 -4.22
C VAL B 296 11.95 11.90 -3.60
N ALA B 297 12.86 11.18 -2.96
CA ALA B 297 14.03 11.77 -2.34
C ALA B 297 15.29 11.14 -2.94
N HIS B 298 16.36 11.92 -2.95
CA HIS B 298 17.68 11.45 -3.34
C HIS B 298 18.53 11.42 -2.08
N ILE B 299 18.94 10.22 -1.66
CA ILE B 299 19.66 10.02 -0.42
C ILE B 299 21.05 9.50 -0.73
N ARG B 300 21.97 9.73 0.21
CA ARG B 300 23.35 9.27 0.11
C ARG B 300 23.67 8.43 1.32
N LEU B 301 23.99 7.16 1.09
CA LEU B 301 24.36 6.25 2.15
C LEU B 301 25.87 6.27 2.38
N ALA B 302 26.27 5.92 3.60
CA ALA B 302 27.68 5.69 3.86
C ALA B 302 28.18 4.54 2.97
N SER B 303 29.42 4.65 2.52
CA SER B 303 29.95 3.69 1.55
C SER B 303 30.00 2.27 2.11
N GLU B 304 30.10 2.13 3.43
CA GLU B 304 30.20 0.81 4.04
C GLU B 304 28.84 0.12 4.14
N LEU B 305 27.77 0.88 4.30
CA LEU B 305 26.44 0.32 4.47
C LEU B 305 25.89 -0.23 3.15
N GLY B 310 26.34 4.21 -4.13
CA GLY B 310 26.30 5.63 -4.40
C GLY B 310 25.01 6.30 -3.95
N PRO B 311 24.70 7.46 -4.55
CA PRO B 311 23.44 8.14 -4.21
C PRO B 311 22.22 7.39 -4.73
N ARG B 312 21.41 6.87 -3.82
CA ARG B 312 20.22 6.12 -4.18
C ARG B 312 18.99 7.03 -4.18
N VAL B 313 17.90 6.50 -4.73
CA VAL B 313 16.63 7.21 -4.80
C VAL B 313 15.61 6.45 -3.96
N MET B 314 14.95 7.17 -3.06
CA MET B 314 13.97 6.62 -2.13
C MET B 314 12.59 7.16 -2.48
N ARG B 315 11.70 6.26 -2.90
CA ARG B 315 10.33 6.64 -3.19
C ARG B 315 9.46 6.41 -1.94
N LEU B 316 8.54 7.34 -1.70
CA LEU B 316 7.67 7.25 -0.53
C LEU B 316 6.24 7.58 -0.93
N SER B 317 5.30 6.78 -0.42
CA SER B 317 3.87 6.95 -0.68
C SER B 317 3.21 7.96 0.24
N VAL B 318 3.99 8.70 1.02
CA VAL B 318 3.43 9.67 1.96
C VAL B 318 4.13 11.00 1.76
N PRO B 319 3.40 12.12 1.80
CA PRO B 319 4.01 13.42 1.57
C PRO B 319 4.72 13.96 2.80
N GLY B 320 5.63 14.87 2.56
CA GLY B 320 6.38 15.51 3.63
C GLY B 320 7.84 15.09 3.61
N ARG B 321 8.70 16.02 4.05
CA ARG B 321 10.14 15.75 4.15
C ARG B 321 10.48 15.06 5.47
N HIS B 322 9.76 15.38 6.55
CA HIS B 322 9.96 14.68 7.81
C HIS B 322 9.67 13.20 7.67
N MET B 323 8.77 12.82 6.76
CA MET B 323 8.56 11.41 6.45
C MET B 323 9.80 10.79 5.80
N ALA B 324 10.51 11.56 4.98
CA ALA B 324 11.78 11.06 4.43
C ALA B 324 12.82 10.89 5.52
N LEU B 325 12.85 11.78 6.51
CA LEU B 325 13.80 11.59 7.60
C LEU B 325 13.45 10.37 8.44
N ASN B 326 12.16 10.18 8.75
CA ASN B 326 11.74 8.97 9.45
C ASN B 326 12.11 7.72 8.66
N ALA B 327 11.93 7.76 7.35
CA ALA B 327 12.27 6.62 6.51
C ALA B 327 13.77 6.36 6.52
N LEU B 328 14.58 7.41 6.51
CA LEU B 328 16.03 7.23 6.62
C LEU B 328 16.40 6.54 7.93
N GLY B 329 15.77 6.96 9.02
CA GLY B 329 16.02 6.29 10.29
C GLY B 329 15.66 4.81 10.25
N ALA B 330 14.49 4.51 9.68
CA ALA B 330 14.07 3.11 9.56
C ALA B 330 15.03 2.32 8.69
N LEU B 331 15.52 2.94 7.62
CA LEU B 331 16.45 2.27 6.70
C LEU B 331 17.76 1.92 7.40
N LEU B 332 18.30 2.88 8.16
CA LEU B 332 19.53 2.61 8.90
C LEU B 332 19.33 1.50 9.93
N ALA B 333 18.24 1.59 10.71
CA ALA B 333 17.98 0.55 11.70
C ALA B 333 17.81 -0.81 11.04
N ALA B 334 17.29 -0.87 9.82
CA ALA B 334 17.11 -2.15 9.15
C ALA B 334 18.42 -2.68 8.60
N VAL B 335 19.25 -1.80 8.03
CA VAL B 335 20.55 -2.22 7.51
C VAL B 335 21.43 -2.75 8.64
N GLN B 336 21.32 -2.14 9.83
CA GLN B 336 22.16 -2.55 10.95
C GLN B 336 21.94 -4.01 11.38
N ILE B 337 20.81 -4.62 11.01
CA ILE B 337 20.56 -6.01 11.36
C ILE B 337 20.76 -6.95 10.17
N GLY B 338 21.27 -6.42 9.06
CA GLY B 338 21.62 -7.26 7.92
C GLY B 338 20.66 -7.21 6.76
N ALA B 339 19.55 -6.50 6.87
CA ALA B 339 18.62 -6.42 5.75
C ALA B 339 19.26 -5.66 4.59
N PRO B 340 19.05 -6.11 3.36
CA PRO B 340 19.63 -5.40 2.21
C PRO B 340 19.04 -4.01 2.06
N ALA B 341 19.90 -3.02 1.85
CA ALA B 341 19.45 -1.64 1.78
C ALA B 341 18.40 -1.43 0.68
N ASP B 342 18.63 -2.01 -0.49
CA ASP B 342 17.71 -1.80 -1.61
C ASP B 342 16.37 -2.50 -1.39
N GLU B 343 16.40 -3.67 -0.76
CA GLU B 343 15.14 -4.33 -0.40
C GLU B 343 14.37 -3.51 0.63
N VAL B 344 15.09 -2.91 1.59
CA VAL B 344 14.44 -2.04 2.56
C VAL B 344 13.85 -0.82 1.88
N LEU B 345 14.53 -0.29 0.85
CA LEU B 345 13.97 0.82 0.09
C LEU B 345 12.69 0.41 -0.63
N ASP B 346 12.70 -0.77 -1.25
CA ASP B 346 11.49 -1.29 -1.87
C ASP B 346 10.35 -1.39 -0.86
N GLY B 347 10.63 -1.95 0.32
CA GLY B 347 9.60 -2.07 1.33
C GLY B 347 9.08 -0.73 1.84
N LEU B 348 9.98 0.25 2.00
CA LEU B 348 9.56 1.59 2.41
C LEU B 348 8.70 2.25 1.34
N ALA B 349 8.93 1.91 0.07
CA ALA B 349 8.12 2.48 -1.00
C ALA B 349 6.64 2.07 -0.87
N GLY B 350 6.36 0.94 -0.22
CA GLY B 350 5.00 0.48 -0.08
C GLY B 350 4.42 0.67 1.31
N PHE B 351 4.73 1.82 1.91
CA PHE B 351 4.17 2.20 3.21
C PHE B 351 3.11 3.27 2.97
N GLU B 352 1.87 2.98 3.36
CA GLU B 352 0.75 3.85 3.07
C GLU B 352 0.51 4.89 4.15
N GLY B 353 1.42 5.02 5.10
CA GLY B 353 1.22 5.93 6.20
C GLY B 353 0.46 5.30 7.34
N VAL B 354 0.19 6.13 8.35
CA VAL B 354 -0.49 5.69 9.56
C VAL B 354 -1.58 6.71 9.87
N ARG B 355 -2.56 6.29 10.66
CA ARG B 355 -3.72 7.12 10.95
C ARG B 355 -3.30 8.39 11.69
N ARG B 356 -4.05 9.47 11.44
CA ARG B 356 -3.84 10.78 12.06
C ARG B 356 -2.44 11.34 11.80
N ARG B 357 -1.78 10.87 10.75
CA ARG B 357 -0.48 11.38 10.32
C ARG B 357 -0.65 11.89 8.89
N PHE B 358 -1.10 13.15 8.77
CA PHE B 358 -1.49 13.74 7.49
C PHE B 358 -2.36 12.76 6.69
N GLU B 359 -3.20 12.02 7.40
CA GLU B 359 -4.10 11.06 6.78
C GLU B 359 -5.22 11.79 6.06
N LEU B 360 -5.39 11.49 4.78
CA LEU B 360 -6.46 12.10 3.99
C LEU B 360 -7.81 11.61 4.51
N VAL B 361 -8.59 12.52 5.09
CA VAL B 361 -9.93 12.17 5.55
C VAL B 361 -10.88 12.02 4.38
N GLY B 362 -10.88 13.01 3.47
CA GLY B 362 -11.80 12.90 2.36
C GLY B 362 -11.60 13.99 1.34
N THR B 363 -12.45 13.96 0.32
CA THR B 363 -12.40 14.91 -0.79
C THR B 363 -13.80 15.36 -1.13
N CYS B 364 -13.93 16.63 -1.51
CA CYS B 364 -15.14 17.20 -2.07
C CYS B 364 -14.78 17.82 -3.41
N GLY B 365 -15.57 17.54 -4.43
CA GLY B 365 -15.23 18.01 -5.75
C GLY B 365 -14.21 17.10 -6.42
N VAL B 366 -13.64 17.60 -7.52
CA VAL B 366 -12.72 16.79 -8.30
C VAL B 366 -11.63 17.64 -8.93
N GLY B 367 -10.39 17.32 -8.60
CA GLY B 367 -9.27 17.83 -9.37
C GLY B 367 -8.78 19.18 -8.89
N LYS B 368 -8.55 20.08 -9.86
CA LYS B 368 -7.94 21.36 -9.55
C LYS B 368 -8.80 22.18 -8.59
N ALA B 369 -10.11 22.14 -8.77
CA ALA B 369 -11.04 22.92 -7.94
C ALA B 369 -11.77 22.03 -6.94
N SER B 370 -11.01 21.17 -6.26
CA SER B 370 -11.55 20.29 -5.23
C SER B 370 -10.95 20.66 -3.88
N VAL B 371 -11.71 20.41 -2.82
CA VAL B 371 -11.28 20.66 -1.46
C VAL B 371 -11.00 19.32 -0.79
N ARG B 372 -9.77 19.13 -0.31
CA ARG B 372 -9.37 17.92 0.37
C ARG B 372 -9.21 18.20 1.87
N VAL B 373 -9.69 17.27 2.69
CA VAL B 373 -9.62 17.39 4.15
C VAL B 373 -8.70 16.30 4.68
N PHE B 374 -7.66 16.72 5.39
CA PHE B 374 -6.69 15.87 6.07
C PHE B 374 -6.84 16.02 7.58
N ASP B 375 -6.38 15.00 8.31
CA ASP B 375 -6.34 15.01 9.77
C ASP B 375 -4.93 14.65 10.23
N ASP B 376 -4.47 15.34 11.28
CA ASP B 376 -3.15 15.09 11.85
C ASP B 376 -3.25 15.03 13.37
N TYR B 377 -2.12 14.68 13.99
CA TYR B 377 -2.02 14.56 15.43
C TYR B 377 -1.04 15.56 16.04
N ALA B 378 -0.55 16.51 15.24
CA ALA B 378 0.51 17.41 15.67
C ALA B 378 0.11 18.19 16.91
N HIS B 379 0.90 18.05 17.97
CA HIS B 379 0.72 18.84 19.18
C HIS B 379 2.03 19.42 19.70
N HIS B 380 3.12 19.27 18.94
CA HIS B 380 4.38 19.95 19.19
C HIS B 380 4.63 21.01 18.13
N PRO B 381 5.29 22.11 18.47
CA PRO B 381 5.51 23.18 17.48
C PRO B 381 6.22 22.70 16.22
N THR B 382 7.26 21.88 16.36
CA THR B 382 7.95 21.35 15.19
C THR B 382 7.03 20.41 14.40
N GLU B 383 6.23 19.61 15.10
CA GLU B 383 5.22 18.78 14.45
C GLU B 383 4.31 19.64 13.58
N ILE B 384 3.83 20.75 14.13
CA ILE B 384 2.93 21.64 13.38
C ILE B 384 3.66 22.20 12.15
N SER B 385 4.90 22.65 12.34
CA SER B 385 5.66 23.20 11.22
C SER B 385 5.82 22.18 10.10
N ALA B 386 6.18 20.94 10.46
CA ALA B 386 6.39 19.89 9.46
C ALA B 386 5.09 19.55 8.73
N THR B 387 3.99 19.41 9.49
CA THR B 387 2.72 19.07 8.86
C THR B 387 2.26 20.17 7.92
N LEU B 388 2.44 21.43 8.32
CA LEU B 388 2.01 22.54 7.46
C LEU B 388 2.89 22.64 6.21
N ALA B 389 4.18 22.35 6.35
CA ALA B 389 5.05 22.34 5.17
C ALA B 389 4.65 21.25 4.19
N ALA B 390 4.28 20.07 4.72
CA ALA B 390 3.80 19.00 3.84
C ALA B 390 2.50 19.40 3.16
N ALA B 391 1.58 20.03 3.91
CA ALA B 391 0.34 20.51 3.31
C ALA B 391 0.62 21.52 2.20
N ARG B 392 1.59 22.40 2.40
CA ARG B 392 1.94 23.37 1.36
C ARG B 392 2.56 22.68 0.15
N MET B 393 3.36 21.63 0.36
CA MET B 393 3.88 20.87 -0.77
C MET B 393 2.76 20.23 -1.58
N VAL B 394 1.75 19.69 -0.90
CA VAL B 394 0.58 19.14 -1.59
C VAL B 394 -0.15 20.25 -2.35
N LEU B 395 -0.26 21.42 -1.73
CA LEU B 395 -1.00 22.53 -2.33
C LEU B 395 -0.30 23.08 -3.58
N GLU B 396 1.04 23.05 -3.60
CA GLU B 396 1.79 23.55 -4.75
C GLU B 396 1.46 22.79 -6.03
N GLN B 397 0.97 21.55 -5.91
CA GLN B 397 0.59 20.78 -7.10
C GLN B 397 -0.63 21.39 -7.79
N GLY B 398 -1.59 21.87 -7.02
CA GLY B 398 -2.76 22.49 -7.60
C GLY B 398 -2.45 23.85 -8.20
N ASP B 399 -3.33 24.27 -9.11
CA ASP B 399 -3.22 25.59 -9.72
C ASP B 399 -4.10 26.59 -8.97
N GLY B 400 -3.80 26.73 -7.68
CA GLY B 400 -4.56 27.59 -6.80
C GLY B 400 -5.12 26.83 -5.60
N GLY B 401 -5.27 27.53 -4.49
CA GLY B 401 -5.79 26.94 -3.26
C GLY B 401 -5.11 27.51 -2.03
N ARG B 402 -5.82 27.46 -0.91
CA ARG B 402 -5.35 28.00 0.36
C ARG B 402 -5.05 26.87 1.32
N CYS B 403 -4.32 27.21 2.39
CA CYS B 403 -4.00 26.26 3.45
C CYS B 403 -4.74 26.70 4.72
N MET B 404 -5.78 25.94 5.06
CA MET B 404 -6.55 26.19 6.26
C MET B 404 -6.24 25.10 7.28
N VAL B 405 -6.08 25.51 8.53
CA VAL B 405 -5.85 24.59 9.63
C VAL B 405 -6.92 24.82 10.68
N VAL B 406 -7.38 23.74 11.28
CA VAL B 406 -8.28 23.78 12.43
C VAL B 406 -7.49 23.16 13.58
N PHE B 407 -6.88 24.00 14.41
CA PHE B 407 -5.93 23.54 15.41
C PHE B 407 -6.57 23.51 16.79
N GLN B 408 -6.38 22.42 17.50
CA GLN B 408 -6.87 22.25 18.86
C GLN B 408 -5.69 22.11 19.81
N PRO B 409 -5.41 23.10 20.67
CA PRO B 409 -4.33 22.94 21.64
C PRO B 409 -4.56 21.72 22.53
N HIS B 410 -3.46 21.11 22.98
CA HIS B 410 -3.56 19.78 23.58
C HIS B 410 -3.72 19.79 25.09
N LEU B 411 -2.81 20.42 25.84
CA LEU B 411 -2.87 20.35 27.29
C LEU B 411 -2.79 21.74 27.91
N TYR B 412 -3.35 21.88 29.11
CA TYR B 412 -3.33 23.16 29.80
C TYR B 412 -1.90 23.58 30.13
N SER B 413 -1.10 22.65 30.65
CA SER B 413 0.30 22.93 30.91
C SER B 413 1.05 23.22 29.62
N ARG B 414 0.82 22.40 28.59
CA ARG B 414 1.44 22.62 27.29
C ARG B 414 1.08 23.98 26.72
N THR B 415 -0.21 24.33 26.75
CA THR B 415 -0.66 25.59 26.18
C THR B 415 -0.12 26.78 26.96
N LYS B 416 -0.18 26.72 28.29
CA LYS B 416 0.39 27.79 29.11
C LYS B 416 1.88 27.93 28.87
N ALA B 417 2.57 26.83 28.58
CA ALA B 417 4.02 26.81 28.45
C ALA B 417 4.50 27.21 27.06
N PHE B 418 3.82 26.77 26.00
CA PHE B 418 4.32 26.95 24.64
C PHE B 418 3.26 27.58 23.73
N ALA B 419 2.58 28.62 24.21
CA ALA B 419 1.56 29.27 23.39
C ALA B 419 2.19 30.05 22.24
N ALA B 420 3.23 30.83 22.54
CA ALA B 420 3.85 31.66 21.51
C ALA B 420 4.45 30.81 20.39
N GLU B 421 5.05 29.67 20.74
CA GLU B 421 5.61 28.81 19.70
C GLU B 421 4.52 28.12 18.88
N PHE B 422 3.39 27.78 19.51
CA PHE B 422 2.26 27.28 18.75
C PHE B 422 1.80 28.30 17.72
N GLY B 423 1.69 29.57 18.13
CA GLY B 423 1.30 30.62 17.18
C GLY B 423 2.33 30.81 16.08
N ARG B 424 3.62 30.80 16.44
CA ARG B 424 4.67 30.95 15.44
C ARG B 424 4.64 29.81 14.43
N ALA B 425 4.38 28.59 14.89
CA ALA B 425 4.29 27.45 13.98
C ALA B 425 3.08 27.57 13.07
N LEU B 426 1.93 27.96 13.64
CA LEU B 426 0.70 28.06 12.86
C LEU B 426 0.75 29.20 11.85
N ASN B 427 1.63 30.18 12.06
CA ASN B 427 1.75 31.28 11.10
C ASN B 427 2.11 30.83 9.68
N ALA B 428 2.43 29.55 9.47
CA ALA B 428 2.77 29.05 8.15
C ALA B 428 1.53 28.69 7.32
N ALA B 429 0.34 28.82 7.89
CA ALA B 429 -0.90 28.52 7.19
C ALA B 429 -1.47 29.77 6.53
N ASP B 430 -2.50 29.57 5.71
CA ASP B 430 -3.22 30.69 5.13
C ASP B 430 -4.36 31.17 6.01
N GLU B 431 -5.03 30.25 6.73
CA GLU B 431 -6.09 30.62 7.64
C GLU B 431 -6.12 29.61 8.78
N VAL B 432 -6.32 30.11 10.00
CA VAL B 432 -6.25 29.28 11.20
C VAL B 432 -7.56 29.42 11.98
N PHE B 433 -8.19 28.29 12.28
CA PHE B 433 -9.34 28.21 13.17
C PHE B 433 -8.84 27.57 14.47
N VAL B 434 -8.70 28.38 15.51
CA VAL B 434 -8.20 27.89 16.80
C VAL B 434 -9.38 27.46 17.65
N LEU B 435 -9.35 26.21 18.11
CA LEU B 435 -10.38 25.70 18.99
C LEU B 435 -9.93 25.87 20.44
N ASP B 436 -10.80 25.46 21.37
CA ASP B 436 -10.47 25.56 22.77
C ASP B 436 -9.55 24.41 23.19
N VAL B 437 -8.85 24.62 24.31
CA VAL B 437 -7.87 23.64 24.77
C VAL B 437 -8.56 22.34 25.14
N TYR B 438 -7.99 21.22 24.69
CA TYR B 438 -8.43 19.91 25.10
C TYR B 438 -7.94 19.61 26.51
N GLY B 439 -8.82 19.05 27.34
CA GLY B 439 -8.45 18.78 28.72
C GLY B 439 -7.52 17.60 28.89
N ALA B 440 -8.02 16.40 28.55
CA ALA B 440 -7.26 15.15 28.65
C ALA B 440 -6.91 14.85 30.11
N ARG B 441 -7.92 14.89 30.98
CA ARG B 441 -7.82 14.49 32.39
C ARG B 441 -6.79 15.30 33.16
N GLU B 442 -6.41 16.47 32.66
CA GLU B 442 -5.52 17.38 33.36
C GLU B 442 -6.33 18.50 33.99
N GLN B 443 -5.97 18.88 35.21
CA GLN B 443 -6.71 19.93 35.91
C GLN B 443 -6.56 21.24 35.16
N PRO B 444 -7.64 22.01 34.99
CA PRO B 444 -7.54 23.27 34.26
C PRO B 444 -6.72 24.31 35.01
N LEU B 445 -5.83 24.98 34.29
CA LEU B 445 -5.09 26.11 34.80
C LEU B 445 -5.87 27.40 34.55
N ALA B 446 -5.72 28.35 35.47
CA ALA B 446 -6.43 29.62 35.34
C ALA B 446 -5.75 30.53 34.32
N GLY B 447 -6.58 31.14 33.46
CA GLY B 447 -6.09 32.07 32.48
C GLY B 447 -5.60 31.46 31.18
N VAL B 448 -5.85 30.17 30.97
CA VAL B 448 -5.37 29.44 29.80
C VAL B 448 -6.58 28.92 29.02
N SER B 449 -6.56 29.13 27.70
CA SER B 449 -7.58 28.60 26.80
C SER B 449 -7.01 28.61 25.38
N GLY B 450 -7.85 28.31 24.40
CA GLY B 450 -7.39 28.35 23.02
C GLY B 450 -7.01 29.74 22.56
N ALA B 451 -7.60 30.77 23.18
CA ALA B 451 -7.23 32.14 22.86
C ALA B 451 -5.78 32.43 23.26
N SER B 452 -5.26 31.71 24.26
CA SER B 452 -3.85 31.87 24.62
C SER B 452 -2.95 31.51 23.45
N VAL B 453 -3.37 30.57 22.61
CA VAL B 453 -2.61 30.25 21.40
C VAL B 453 -2.98 31.21 20.27
N ALA B 454 -4.28 31.48 20.11
CA ALA B 454 -4.73 32.36 19.04
C ALA B 454 -4.15 33.77 19.15
N GLU B 455 -3.68 34.16 20.35
CA GLU B 455 -3.12 35.48 20.54
C GLU B 455 -1.86 35.71 19.72
N HIS B 456 -1.08 34.65 19.47
CA HIS B 456 0.24 34.79 18.88
C HIS B 456 0.28 34.52 17.38
N VAL B 457 -0.82 34.11 16.78
CA VAL B 457 -0.86 33.90 15.33
C VAL B 457 -1.21 35.22 14.66
N THR B 458 -0.43 35.60 13.65
CA THR B 458 -0.59 36.88 12.97
C THR B 458 -1.15 36.74 11.56
N VAL B 459 -1.53 35.53 11.15
CA VAL B 459 -2.21 35.32 9.87
C VAL B 459 -3.72 35.42 10.14
N PRO B 460 -4.57 35.53 9.11
CA PRO B 460 -6.01 35.57 9.36
C PRO B 460 -6.45 34.39 10.21
N MET B 461 -7.20 34.69 11.27
CA MET B 461 -7.47 33.73 12.33
C MET B 461 -8.85 34.00 12.91
N ARG B 462 -9.56 32.93 13.24
CA ARG B 462 -10.80 32.99 13.99
C ARG B 462 -10.71 32.00 15.14
N TYR B 463 -11.23 32.39 16.30
CA TYR B 463 -11.24 31.53 17.48
C TYR B 463 -12.65 30.99 17.67
N VAL B 464 -12.78 29.67 17.72
CA VAL B 464 -14.10 29.04 17.82
C VAL B 464 -14.09 28.06 19.00
N PRO B 465 -14.38 28.51 20.23
CA PRO B 465 -14.46 27.57 21.35
C PRO B 465 -15.73 26.72 21.33
N ASP B 466 -16.73 27.09 20.53
CA ASP B 466 -17.90 26.25 20.34
C ASP B 466 -17.55 25.17 19.32
N PHE B 467 -17.34 23.94 19.81
CA PHE B 467 -16.92 22.85 18.93
C PHE B 467 -17.96 22.57 17.86
N SER B 468 -19.22 22.43 18.26
CA SER B 468 -20.29 22.08 17.33
C SER B 468 -20.46 23.14 16.23
N ALA B 469 -19.92 24.33 16.41
CA ALA B 469 -20.04 25.39 15.43
C ALA B 469 -18.92 25.40 14.40
N VAL B 470 -17.91 24.54 14.56
CA VAL B 470 -16.69 24.71 13.75
C VAL B 470 -16.89 24.21 12.33
N ALA B 471 -17.42 23.00 12.18
CA ALA B 471 -17.53 22.41 10.84
C ALA B 471 -18.31 23.29 9.89
N GLN B 472 -19.42 23.88 10.35
CA GLN B 472 -20.21 24.75 9.49
C GLN B 472 -19.47 26.05 9.17
N GLN B 473 -18.60 26.50 10.07
CA GLN B 473 -17.85 27.73 9.81
C GLN B 473 -16.75 27.49 8.79
N VAL B 474 -15.90 26.50 9.03
CA VAL B 474 -14.82 26.19 8.09
C VAL B 474 -15.40 25.92 6.71
N ALA B 475 -16.47 25.11 6.65
CA ALA B 475 -17.10 24.81 5.36
C ALA B 475 -17.59 26.08 4.67
N ALA B 476 -18.04 27.07 5.44
CA ALA B 476 -18.45 28.33 4.83
C ALA B 476 -17.26 29.15 4.38
N ALA B 477 -16.14 29.06 5.10
CA ALA B 477 -14.95 29.82 4.76
C ALA B 477 -14.16 29.18 3.62
N ALA B 478 -14.54 27.98 3.19
CA ALA B 478 -13.78 27.24 2.21
C ALA B 478 -14.05 27.77 0.80
N SER B 479 -13.12 27.47 -0.10
CA SER B 479 -13.22 27.80 -1.52
C SER B 479 -12.55 26.67 -2.30
N PRO B 480 -12.87 26.52 -3.58
CA PRO B 480 -12.31 25.38 -4.34
C PRO B 480 -10.79 25.44 -4.40
N GLY B 481 -10.17 24.27 -4.28
CA GLY B 481 -8.73 24.14 -4.31
C GLY B 481 -8.06 24.11 -2.95
N ASP B 482 -8.80 24.39 -1.88
CA ASP B 482 -8.20 24.48 -0.55
C ASP B 482 -7.82 23.10 -0.02
N VAL B 483 -6.82 23.10 0.86
CA VAL B 483 -6.42 21.91 1.61
C VAL B 483 -6.67 22.22 3.08
N ILE B 484 -7.62 21.51 3.69
CA ILE B 484 -8.00 21.71 5.09
C ILE B 484 -7.32 20.64 5.93
N VAL B 485 -6.73 21.06 7.04
CA VAL B 485 -6.10 20.15 7.99
C VAL B 485 -6.72 20.38 9.36
N THR B 486 -7.22 19.31 9.97
CA THR B 486 -7.63 19.34 11.38
C THR B 486 -6.48 18.78 12.20
N MET B 487 -5.97 19.59 13.13
CA MET B 487 -4.73 19.30 13.82
C MET B 487 -4.95 19.31 15.32
N GLY B 488 -4.36 18.33 16.01
CA GLY B 488 -4.49 18.23 17.45
C GLY B 488 -4.66 16.79 17.87
N ALA B 489 -4.38 16.53 19.16
CA ALA B 489 -4.39 15.19 19.72
C ALA B 489 -5.73 14.81 20.35
N GLY B 490 -6.76 15.66 20.24
CA GLY B 490 -8.02 15.39 20.90
C GLY B 490 -9.20 15.20 19.98
N ASP B 491 -10.35 15.78 20.34
CA ASP B 491 -11.60 15.61 19.60
C ASP B 491 -11.53 16.10 18.17
N VAL B 492 -10.49 16.85 17.80
CA VAL B 492 -10.47 17.52 16.50
C VAL B 492 -10.55 16.51 15.36
N THR B 493 -10.09 15.28 15.58
CA THR B 493 -10.15 14.24 14.56
C THR B 493 -11.58 13.93 14.13
N LEU B 494 -12.57 14.32 14.94
CA LEU B 494 -13.97 14.10 14.57
C LEU B 494 -14.52 15.19 13.67
N LEU B 495 -13.89 16.37 13.63
CA LEU B 495 -14.38 17.43 12.76
C LEU B 495 -14.07 17.19 11.29
N GLY B 496 -13.14 16.29 10.99
CA GLY B 496 -12.76 15.98 9.62
C GLY B 496 -13.93 15.53 8.77
N PRO B 497 -14.62 14.45 9.18
CA PRO B 497 -15.84 14.05 8.46
C PRO B 497 -16.89 15.14 8.42
N GLU B 498 -17.12 15.81 9.55
CA GLU B 498 -18.16 16.85 9.62
C GLU B 498 -17.92 17.94 8.59
N ILE B 499 -16.71 18.53 8.59
CA ILE B 499 -16.37 19.55 7.61
C ILE B 499 -16.66 19.07 6.19
N LEU B 500 -16.50 17.77 5.95
CA LEU B 500 -16.79 17.24 4.62
C LEU B 500 -18.28 17.29 4.33
N THR B 501 -19.10 16.83 5.27
CA THR B 501 -20.54 16.81 5.07
C THR B 501 -21.06 18.19 4.67
N ALA B 502 -20.73 19.20 5.47
CA ALA B 502 -21.15 20.56 5.15
C ALA B 502 -20.60 21.02 3.81
N LEU B 503 -19.38 20.59 3.46
CA LEU B 503 -18.83 20.95 2.17
C LEU B 503 -19.67 20.40 1.03
N ARG B 504 -20.31 19.25 1.24
CA ARG B 504 -21.20 18.70 0.22
C ARG B 504 -22.62 19.25 0.32
N VAL B 505 -22.95 19.95 1.40
CA VAL B 505 -24.23 20.63 1.46
C VAL B 505 -24.15 21.97 0.75
N ARG B 506 -22.96 22.59 0.70
CA ARG B 506 -22.79 23.82 -0.05
C ARG B 506 -22.89 23.60 -1.56
N ALA B 507 -22.70 22.37 -2.02
CA ALA B 507 -22.89 22.06 -3.44
C ALA B 507 -24.37 22.14 -3.80
N ASN B 508 -24.81 23.29 -4.30
CA ASN B 508 -26.21 23.52 -4.64
C ASN B 508 -26.38 23.96 -6.09
#